data_4IDG
#
_entry.id   4IDG
#
_cell.length_a   77.388
_cell.length_b   57.703
_cell.length_c   95.418
_cell.angle_alpha   90.000
_cell.angle_beta   108.680
_cell.angle_gamma   90.000
#
_symmetry.space_group_name_H-M   'P 1 21 1'
#
loop_
_entity.id
_entity.type
_entity.pdbx_description
1 polymer 'SHORT-CHAIN DEHYDROGENASE/REDUCTASE'
2 non-polymer 'CHLORIDE ION'
3 non-polymer NICOTINAMIDE-ADENINE-DINUCLEOTIDE
4 non-polymer 1,2-ETHANEDIOL
5 water water
#
_entity_poly.entity_id   1
_entity_poly.type   'polypeptide(L)'
_entity_poly.pdbx_seq_one_letter_code
;MGSSHHHHHHSSGLVPRGSHMILVTGSAGRVGRAVVAALRTQGRTVRGFDLRPSGTGGEEVVGSLEDGQALSDAIMGVSA
VLHLGAFMSWAPADRDRMFAVNVEGTRRLLDAASAAGVRRFVFASSGEVYPENRPEFLPVTEDHPLCPNSPYGLTKLLGE
ELVRFHQRSGAMETVILRFSHTQDATELLDEDSFFSGPRFFLRPRIHQQQNFGNAAIAELLQSRDIGEPSHILARNENGR
PFRMHITDTRDMVAGILLALDHPEAAGGTFNLGADEPADFAALLPKIAALTGLPIVTVDFPGDGVYYHTSNERIRNTLGF
EAEWTMDRMLEEAATARRQRLAKEQRR
;
_entity_poly.pdbx_strand_id   A,B
#
# COMPACT_ATOMS: atom_id res chain seq x y z
N HIS A 20 3.92 -13.49 -28.72
CA HIS A 20 4.13 -12.30 -27.89
C HIS A 20 2.88 -11.44 -27.82
N MET A 21 1.85 -11.92 -27.14
CA MET A 21 0.63 -11.14 -27.01
C MET A 21 0.74 -10.15 -25.86
N ILE A 22 0.33 -8.92 -26.15
CA ILE A 22 0.31 -7.85 -25.15
C ILE A 22 -1.09 -7.62 -24.66
N LEU A 23 -1.27 -7.66 -23.34
CA LEU A 23 -2.57 -7.38 -22.72
C LEU A 23 -2.61 -5.93 -22.28
N VAL A 24 -3.62 -5.19 -22.73
CA VAL A 24 -3.80 -3.80 -22.30
C VAL A 24 -5.13 -3.69 -21.57
N THR A 25 -5.09 -3.44 -20.27
CA THR A 25 -6.33 -3.20 -19.51
C THR A 25 -6.67 -1.72 -19.68
N GLY A 26 -7.94 -1.35 -19.51
CA GLY A 26 -8.37 0.01 -19.76
C GLY A 26 -8.30 0.38 -21.24
N SER A 27 -8.40 -0.64 -22.08
CA SER A 27 -8.21 -0.50 -23.52
C SER A 27 -9.35 0.23 -24.23
N ALA A 28 -10.44 0.50 -23.53
CA ALA A 28 -11.50 1.33 -24.11
C ALA A 28 -11.37 2.80 -23.67
N GLY A 29 -10.39 3.09 -22.82
CA GLY A 29 -10.21 4.45 -22.31
C GLY A 29 -9.32 5.34 -23.15
N ARG A 30 -9.14 6.58 -22.69
CA ARG A 30 -8.39 7.60 -23.44
C ARG A 30 -7.00 7.12 -23.84
N VAL A 31 -6.23 6.69 -22.85
CA VAL A 31 -4.85 6.29 -23.08
C VAL A 31 -4.81 4.88 -23.63
N GLY A 32 -5.58 3.98 -23.01
CA GLY A 32 -5.60 2.59 -23.43
C GLY A 32 -5.94 2.36 -24.89
N ARG A 33 -6.96 3.03 -25.40
CA ARG A 33 -7.36 2.77 -26.78
C ARG A 33 -6.29 3.25 -27.75
N ALA A 34 -5.59 4.33 -27.38
CA ALA A 34 -4.55 4.86 -28.25
C ALA A 34 -3.31 3.98 -28.22
N VAL A 35 -3.05 3.37 -27.06
CA VAL A 35 -1.98 2.40 -26.96
C VAL A 35 -2.27 1.17 -27.84
N VAL A 36 -3.50 0.68 -27.77
CA VAL A 36 -3.85 -0.50 -28.53
C VAL A 36 -3.72 -0.23 -30.02
N ALA A 37 -4.13 0.96 -30.44
CA ALA A 37 -4.08 1.33 -31.85
C ALA A 37 -2.65 1.46 -32.36
N ALA A 38 -1.76 1.98 -31.52
CA ALA A 38 -0.36 2.13 -31.91
C ALA A 38 0.28 0.75 -32.09
N LEU A 39 0.07 -0.12 -31.11
CA LEU A 39 0.57 -1.49 -31.15
C LEU A 39 0.08 -2.27 -32.37
N ARG A 40 -1.23 -2.22 -32.63
CA ARG A 40 -1.78 -2.92 -33.79
C ARG A 40 -1.29 -2.33 -35.10
N THR A 41 -1.00 -1.02 -35.11
CA THR A 41 -0.47 -0.36 -36.31
C THR A 41 0.96 -0.85 -36.55
N GLN A 42 1.61 -1.29 -35.48
CA GLN A 42 2.91 -1.96 -35.58
C GLN A 42 2.76 -3.42 -35.99
N GLY A 43 1.53 -3.91 -36.08
CA GLY A 43 1.30 -5.29 -36.49
C GLY A 43 1.48 -6.25 -35.34
N ARG A 44 1.47 -5.72 -34.12
CA ARG A 44 1.68 -6.56 -32.94
C ARG A 44 0.37 -7.18 -32.47
N THR A 45 0.47 -8.35 -31.83
CA THR A 45 -0.70 -9.04 -31.32
C THR A 45 -1.10 -8.48 -29.96
N VAL A 46 -2.32 -7.97 -29.87
CA VAL A 46 -2.78 -7.30 -28.65
C VAL A 46 -4.14 -7.84 -28.25
N ARG A 47 -4.36 -7.99 -26.94
CA ARG A 47 -5.68 -8.28 -26.40
C ARG A 47 -6.12 -7.15 -25.45
N GLY A 48 -7.33 -6.62 -25.66
CA GLY A 48 -7.86 -5.61 -24.76
C GLY A 48 -8.60 -6.20 -23.57
N PHE A 49 -8.87 -5.35 -22.57
CA PHE A 49 -9.54 -5.76 -21.34
C PHE A 49 -10.18 -4.50 -20.78
N ASP A 50 -11.51 -4.38 -20.89
CA ASP A 50 -12.22 -3.20 -20.34
C ASP A 50 -13.68 -3.57 -20.04
N LEU A 51 -14.33 -2.78 -19.19
CA LEU A 51 -15.73 -3.00 -18.84
C LEU A 51 -16.66 -2.96 -20.05
N ARG A 52 -16.23 -2.27 -21.09
CA ARG A 52 -17.04 -2.08 -22.28
C ARG A 52 -16.22 -2.34 -23.53
N PRO A 53 -16.88 -2.62 -24.66
CA PRO A 53 -16.13 -2.82 -25.90
C PRO A 53 -15.42 -1.54 -26.31
N SER A 54 -14.32 -1.67 -27.05
CA SER A 54 -13.59 -0.51 -27.56
C SER A 54 -14.35 0.11 -28.72
N GLY A 55 -15.01 -0.73 -29.50
CA GLY A 55 -15.72 -0.28 -30.69
C GLY A 55 -14.87 -0.48 -31.93
N THR A 56 -13.73 -1.12 -31.74
CA THR A 56 -12.78 -1.34 -32.82
C THR A 56 -12.90 -2.75 -33.41
N GLY A 57 -13.61 -3.63 -32.71
CA GLY A 57 -13.81 -4.99 -33.19
C GLY A 57 -12.60 -5.89 -33.02
N GLY A 58 -11.54 -5.35 -32.43
CA GLY A 58 -10.32 -6.11 -32.19
C GLY A 58 -10.48 -7.04 -31.00
N GLU A 59 -9.56 -7.98 -30.80
CA GLU A 59 -9.69 -8.92 -29.71
C GLU A 59 -9.63 -8.23 -28.34
N GLU A 60 -10.60 -8.53 -27.50
CA GLU A 60 -10.70 -7.86 -26.21
C GLU A 60 -11.62 -8.63 -25.28
N VAL A 61 -11.31 -8.59 -23.99
CA VAL A 61 -12.23 -9.09 -22.98
C VAL A 61 -13.16 -7.95 -22.58
N VAL A 62 -14.46 -8.21 -22.59
CA VAL A 62 -15.41 -7.28 -22.02
C VAL A 62 -15.76 -7.83 -20.65
N GLY A 63 -15.27 -7.17 -19.60
CA GLY A 63 -15.44 -7.69 -18.26
C GLY A 63 -14.66 -6.85 -17.27
N SER A 64 -14.66 -7.29 -16.01
CA SER A 64 -14.12 -6.46 -14.94
C SER A 64 -12.87 -7.02 -14.26
N LEU A 65 -12.02 -6.08 -13.82
CA LEU A 65 -10.82 -6.43 -13.08
C LEU A 65 -11.15 -7.08 -11.74
N GLU A 66 -12.39 -6.92 -11.28
CA GLU A 66 -12.83 -7.55 -10.03
C GLU A 66 -13.21 -9.01 -10.23
N ASP A 67 -13.35 -9.41 -11.48
CA ASP A 67 -13.81 -10.75 -11.83
C ASP A 67 -12.62 -11.68 -12.07
N GLY A 68 -12.45 -12.63 -11.16
CA GLY A 68 -11.35 -13.57 -11.22
C GLY A 68 -11.33 -14.37 -12.52
N GLN A 69 -12.53 -14.68 -13.04
CA GLN A 69 -12.65 -15.42 -14.29
C GLN A 69 -12.15 -14.60 -15.47
N ALA A 70 -12.53 -13.31 -15.47
CA ALA A 70 -12.10 -12.43 -16.55
C ALA A 70 -10.59 -12.27 -16.53
N LEU A 71 -10.01 -12.23 -15.33
CA LEU A 71 -8.57 -12.04 -15.19
C LEU A 71 -7.84 -13.23 -15.79
N SER A 72 -8.34 -14.43 -15.49
CA SER A 72 -7.76 -15.67 -16.00
C SER A 72 -7.87 -15.78 -17.52
N ASP A 73 -9.04 -15.46 -18.05
CA ASP A 73 -9.26 -15.38 -19.49
C ASP A 73 -8.32 -14.39 -20.16
N ALA A 74 -8.19 -13.22 -19.54
CA ALA A 74 -7.42 -12.12 -20.12
C ALA A 74 -5.93 -12.45 -20.22
N ILE A 75 -5.41 -13.18 -19.24
CA ILE A 75 -3.95 -13.40 -19.14
C ILE A 75 -3.40 -14.60 -19.92
N MET A 76 -4.28 -15.49 -20.39
CA MET A 76 -3.83 -16.69 -21.11
C MET A 76 -3.00 -16.35 -22.33
N GLY A 77 -1.79 -16.88 -22.39
CA GLY A 77 -0.91 -16.71 -23.54
C GLY A 77 -0.25 -15.35 -23.64
N VAL A 78 -0.37 -14.57 -22.56
CA VAL A 78 0.11 -13.18 -22.57
C VAL A 78 1.59 -13.07 -22.20
N SER A 79 2.31 -12.23 -22.97
CA SER A 79 3.75 -12.03 -22.83
C SER A 79 4.08 -10.76 -22.05
N ALA A 80 3.18 -9.79 -22.12
CA ALA A 80 3.41 -8.50 -21.48
C ALA A 80 2.08 -7.87 -21.13
N VAL A 81 2.04 -7.09 -20.05
CA VAL A 81 0.79 -6.46 -19.63
C VAL A 81 0.97 -4.97 -19.48
N LEU A 82 0.10 -4.20 -20.12
CA LEU A 82 0.06 -2.76 -19.92
C LEU A 82 -1.19 -2.47 -19.11
N HIS A 83 -1.02 -2.22 -17.81
CA HIS A 83 -2.15 -2.14 -16.88
C HIS A 83 -2.62 -0.70 -16.70
N LEU A 84 -3.55 -0.27 -17.54
CA LEU A 84 -4.03 1.11 -17.53
C LEU A 84 -5.43 1.20 -16.96
N GLY A 85 -6.10 0.06 -16.83
CA GLY A 85 -7.47 0.05 -16.32
C GLY A 85 -7.53 0.42 -14.84
N ALA A 86 -8.36 1.41 -14.52
CA ALA A 86 -8.54 1.85 -13.15
C ALA A 86 -9.80 2.69 -13.05
N PHE A 87 -10.31 2.81 -11.83
CA PHE A 87 -11.50 3.60 -11.53
C PHE A 87 -11.09 4.85 -10.75
N MET A 88 -11.52 6.01 -11.23
CA MET A 88 -11.20 7.27 -10.56
C MET A 88 -12.48 7.98 -10.18
N SER A 89 -12.76 8.10 -8.88
CA SER A 89 -14.00 8.71 -8.42
C SER A 89 -13.81 9.66 -7.24
N TRP A 90 -14.72 10.62 -7.13
CA TRP A 90 -14.66 11.65 -6.10
C TRP A 90 -15.54 11.32 -4.89
N ALA A 91 -16.76 10.84 -5.16
CA ALA A 91 -17.75 10.58 -4.11
C ALA A 91 -17.38 9.39 -3.22
N PRO A 92 -17.68 9.51 -1.91
CA PRO A 92 -17.39 8.44 -0.93
C PRO A 92 -18.10 7.13 -1.25
N ALA A 93 -19.28 7.21 -1.85
CA ALA A 93 -20.07 6.01 -2.17
C ALA A 93 -19.37 5.12 -3.19
N ASP A 94 -18.40 5.67 -3.89
CA ASP A 94 -17.66 4.92 -4.90
C ASP A 94 -16.31 4.43 -4.39
N ARG A 95 -16.00 4.75 -3.14
CA ARG A 95 -14.67 4.49 -2.60
C ARG A 95 -14.36 3.00 -2.49
N ASP A 96 -15.34 2.20 -2.04
CA ASP A 96 -15.12 0.75 -1.90
C ASP A 96 -14.80 0.16 -3.27
N ARG A 97 -15.56 0.58 -4.28
CA ARG A 97 -15.37 0.10 -5.63
C ARG A 97 -14.01 0.51 -6.18
N MET A 98 -13.59 1.74 -5.87
CA MET A 98 -12.29 2.20 -6.33
C MET A 98 -11.15 1.37 -5.72
N PHE A 99 -11.27 1.02 -4.44
CA PHE A 99 -10.25 0.14 -3.85
C PHE A 99 -10.31 -1.28 -4.42
N ALA A 100 -11.51 -1.78 -4.64
CA ALA A 100 -11.67 -3.12 -5.23
C ALA A 100 -11.02 -3.20 -6.61
N VAL A 101 -11.27 -2.17 -7.43
CA VAL A 101 -10.76 -2.17 -8.80
C VAL A 101 -9.25 -1.87 -8.87
N ASN A 102 -8.83 -0.82 -8.18
CA ASN A 102 -7.47 -0.30 -8.31
C ASN A 102 -6.43 -1.07 -7.49
N VAL A 103 -6.82 -1.54 -6.31
CA VAL A 103 -5.88 -2.21 -5.43
C VAL A 103 -6.04 -3.72 -5.54
N GLU A 104 -7.21 -4.25 -5.20
CA GLU A 104 -7.39 -5.71 -5.27
C GLU A 104 -7.35 -6.25 -6.71
N GLY A 105 -7.92 -5.52 -7.65
CA GLY A 105 -7.83 -5.90 -9.07
C GLY A 105 -6.39 -5.94 -9.56
N THR A 106 -5.61 -4.94 -9.16
CA THR A 106 -4.20 -4.88 -9.52
C THR A 106 -3.43 -6.02 -8.83
N ARG A 107 -3.72 -6.28 -7.56
CA ARG A 107 -3.04 -7.39 -6.86
C ARG A 107 -3.21 -8.72 -7.59
N ARG A 108 -4.45 -9.03 -7.95
CA ARG A 108 -4.71 -10.34 -8.55
C ARG A 108 -4.22 -10.39 -9.99
N LEU A 109 -4.25 -9.25 -10.68
CA LEU A 109 -3.73 -9.22 -12.05
C LEU A 109 -2.22 -9.46 -12.05
N LEU A 110 -1.51 -8.86 -11.09
CA LEU A 110 -0.09 -9.12 -10.89
C LEU A 110 0.21 -10.61 -10.61
N ASP A 111 -0.53 -11.20 -9.68
CA ASP A 111 -0.31 -12.59 -9.34
C ASP A 111 -0.58 -13.48 -10.55
N ALA A 112 -1.64 -13.17 -11.29
CA ALA A 112 -1.98 -13.96 -12.48
C ALA A 112 -0.92 -13.82 -13.55
N ALA A 113 -0.48 -12.59 -13.80
CA ALA A 113 0.59 -12.32 -14.75
C ALA A 113 1.84 -13.12 -14.38
N SER A 114 2.28 -12.97 -13.14
CA SER A 114 3.49 -13.65 -12.66
C SER A 114 3.41 -15.17 -12.84
N ALA A 115 2.31 -15.76 -12.40
CA ALA A 115 2.14 -17.22 -12.51
C ALA A 115 2.11 -17.70 -13.96
N ALA A 116 1.65 -16.83 -14.86
CA ALA A 116 1.57 -17.16 -16.28
C ALA A 116 2.88 -16.92 -17.03
N GLY A 117 3.92 -16.49 -16.31
CA GLY A 117 5.21 -16.25 -16.94
C GLY A 117 5.28 -14.99 -17.80
N VAL A 118 4.41 -14.02 -17.53
CA VAL A 118 4.47 -12.72 -18.19
C VAL A 118 5.88 -12.14 -18.04
N ARG A 119 6.43 -11.59 -19.12
CA ARG A 119 7.80 -11.13 -19.10
C ARG A 119 7.93 -9.75 -18.50
N ARG A 120 6.98 -8.86 -18.82
CA ARG A 120 7.02 -7.49 -18.31
C ARG A 120 5.63 -6.96 -17.98
N PHE A 121 5.52 -6.20 -16.88
CA PHE A 121 4.25 -5.65 -16.42
C PHE A 121 4.48 -4.17 -16.20
N VAL A 122 3.75 -3.34 -16.93
CA VAL A 122 3.88 -1.88 -16.86
C VAL A 122 2.65 -1.36 -16.15
N PHE A 123 2.85 -0.57 -15.10
CA PHE A 123 1.73 -0.12 -14.29
C PHE A 123 1.53 1.39 -14.48
N ALA A 124 0.30 1.79 -14.76
CA ALA A 124 -0.01 3.22 -14.81
C ALA A 124 -0.32 3.73 -13.39
N SER A 125 0.59 4.55 -12.87
CA SER A 125 0.36 5.24 -11.59
C SER A 125 -0.03 6.68 -11.90
N SER A 126 0.07 7.57 -10.92
CA SER A 126 -0.45 8.92 -11.08
C SER A 126 0.38 9.87 -10.27
N GLY A 127 0.42 11.14 -10.67
CA GLY A 127 1.08 12.16 -9.89
C GLY A 127 0.38 12.39 -8.56
N GLU A 128 -0.81 11.81 -8.40
CA GLU A 128 -1.51 11.92 -7.13
C GLU A 128 -0.82 11.12 -6.01
N VAL A 129 0.15 10.29 -6.35
CA VAL A 129 0.87 9.58 -5.27
C VAL A 129 1.80 10.50 -4.49
N TYR A 130 2.13 11.66 -5.06
CA TYR A 130 3.09 12.56 -4.38
C TYR A 130 2.53 13.37 -3.19
N PRO A 131 1.49 14.19 -3.40
CA PRO A 131 0.70 14.46 -4.61
C PRO A 131 1.15 15.75 -5.28
N GLU A 132 1.01 15.85 -6.59
CA GLU A 132 1.35 17.10 -7.28
C GLU A 132 0.47 18.25 -6.79
N ASN A 133 -0.71 17.93 -6.24
CA ASN A 133 -1.59 18.99 -5.72
C ASN A 133 -1.06 19.65 -4.44
N ARG A 134 -0.02 19.05 -3.85
CA ARG A 134 0.56 19.60 -2.64
C ARG A 134 2.01 19.16 -2.50
N PRO A 135 2.90 19.70 -3.34
CA PRO A 135 4.28 19.19 -3.33
C PRO A 135 5.13 19.68 -2.17
N GLU A 136 6.10 18.89 -1.76
CA GLU A 136 7.02 19.27 -0.69
C GLU A 136 8.22 20.03 -1.24
N PHE A 137 8.54 19.79 -2.51
CA PHE A 137 9.58 20.56 -3.19
C PHE A 137 9.37 20.52 -4.70
N LEU A 138 10.06 21.42 -5.42
CA LEU A 138 9.93 21.52 -6.87
C LEU A 138 11.30 21.54 -7.52
N PRO A 139 11.42 20.92 -8.71
CA PRO A 139 10.38 20.11 -9.36
C PRO A 139 10.17 18.77 -8.66
N VAL A 140 8.99 18.19 -8.84
CA VAL A 140 8.70 16.89 -8.23
C VAL A 140 9.45 15.79 -8.97
N THR A 141 10.37 15.11 -8.29
CA THR A 141 11.10 14.02 -8.92
C THR A 141 10.57 12.67 -8.43
N GLU A 142 11.03 11.59 -9.04
CA GLU A 142 10.64 10.25 -8.61
C GLU A 142 10.99 9.97 -7.15
N ASP A 143 11.92 10.74 -6.58
CA ASP A 143 12.36 10.51 -5.19
C ASP A 143 11.59 11.36 -4.17
N HIS A 144 10.64 12.14 -4.66
CA HIS A 144 9.74 12.93 -3.81
C HIS A 144 8.94 11.96 -2.93
N PRO A 145 8.67 12.34 -1.67
CA PRO A 145 7.92 11.44 -0.79
C PRO A 145 6.56 11.09 -1.38
N LEU A 146 6.06 9.90 -1.08
CA LEU A 146 4.76 9.48 -1.59
C LEU A 146 3.71 9.65 -0.49
N CYS A 147 3.05 10.81 -0.49
CA CYS A 147 2.13 11.18 0.59
C CYS A 147 0.76 11.62 0.06
N PRO A 148 0.03 10.69 -0.57
CA PRO A 148 -1.20 11.10 -1.25
C PRO A 148 -2.23 11.66 -0.28
N ASN A 149 -3.03 12.63 -0.74
CA ASN A 149 -4.07 13.19 0.10
C ASN A 149 -5.49 12.89 -0.42
N SER A 150 -5.57 12.12 -1.50
CA SER A 150 -6.87 11.66 -1.99
C SER A 150 -6.94 10.14 -1.98
N PRO A 151 -8.15 9.59 -1.77
CA PRO A 151 -8.32 8.14 -1.80
C PRO A 151 -7.84 7.55 -3.13
N TYR A 152 -8.06 8.24 -4.24
CA TYR A 152 -7.57 7.75 -5.52
C TYR A 152 -6.05 7.64 -5.52
N GLY A 153 -5.38 8.72 -5.10
CA GLY A 153 -3.93 8.69 -5.02
C GLY A 153 -3.45 7.59 -4.07
N LEU A 154 -4.20 7.38 -3.00
CA LEU A 154 -3.86 6.30 -2.08
C LEU A 154 -3.94 4.94 -2.80
N THR A 155 -5.01 4.69 -3.57
CA THR A 155 -5.11 3.43 -4.33
C THR A 155 -3.92 3.20 -5.27
N LYS A 156 -3.45 4.27 -5.91
CA LYS A 156 -2.31 4.17 -6.83
C LYS A 156 -1.00 3.91 -6.08
N LEU A 157 -0.86 4.49 -4.90
CA LEU A 157 0.30 4.19 -4.06
C LEU A 157 0.30 2.72 -3.63
N LEU A 158 -0.83 2.24 -3.13
CA LEU A 158 -0.95 0.82 -2.77
C LEU A 158 -0.65 -0.05 -3.99
N GLY A 159 -1.13 0.38 -5.15
CA GLY A 159 -0.85 -0.32 -6.39
C GLY A 159 0.65 -0.39 -6.67
N GLU A 160 1.32 0.75 -6.52
CA GLU A 160 2.76 0.79 -6.75
C GLU A 160 3.48 -0.17 -5.81
N GLU A 161 2.99 -0.24 -4.58
N GLU A 161 3.01 -0.24 -4.57
CA GLU A 161 3.59 -1.10 -3.56
CA GLU A 161 3.64 -1.12 -3.58
C GLU A 161 3.47 -2.57 -3.92
C GLU A 161 3.48 -2.59 -3.92
N LEU A 162 2.33 -2.94 -4.51
CA LEU A 162 2.14 -4.31 -4.99
C LEU A 162 3.11 -4.62 -6.13
N VAL A 163 3.29 -3.64 -7.01
CA VAL A 163 4.22 -3.77 -8.13
C VAL A 163 5.66 -3.92 -7.66
N ARG A 164 6.08 -3.08 -6.70
CA ARG A 164 7.41 -3.17 -6.14
C ARG A 164 7.69 -4.54 -5.52
N PHE A 165 6.67 -5.13 -4.90
CA PHE A 165 6.81 -6.44 -4.32
C PHE A 165 7.12 -7.48 -5.38
N HIS A 166 6.42 -7.44 -6.50
CA HIS A 166 6.71 -8.39 -7.57
C HIS A 166 8.06 -8.13 -8.21
N GLN A 167 8.45 -6.87 -8.26
N GLN A 167 8.46 -6.87 -8.26
CA GLN A 167 9.73 -6.47 -8.84
CA GLN A 167 9.73 -6.48 -8.85
C GLN A 167 10.86 -7.18 -8.11
C GLN A 167 10.90 -7.13 -8.11
N ARG A 168 10.84 -7.09 -6.78
CA ARG A 168 11.87 -7.69 -5.94
C ARG A 168 11.81 -9.22 -5.89
N SER A 169 10.65 -9.81 -6.16
CA SER A 169 10.44 -11.19 -5.74
C SER A 169 10.26 -12.23 -6.83
N GLY A 170 10.08 -11.80 -8.08
CA GLY A 170 9.82 -12.74 -9.14
C GLY A 170 10.69 -12.53 -10.38
N ALA A 171 10.40 -13.29 -11.42
CA ALA A 171 11.12 -13.16 -12.67
C ALA A 171 10.48 -12.11 -13.55
N MET A 172 9.25 -11.73 -13.22
CA MET A 172 8.52 -10.77 -14.04
C MET A 172 9.09 -9.37 -13.87
N GLU A 173 9.45 -8.72 -14.97
CA GLU A 173 9.96 -7.35 -14.94
C GLU A 173 8.79 -6.40 -14.74
N THR A 174 9.04 -5.27 -14.05
CA THR A 174 7.97 -4.29 -13.82
C THR A 174 8.46 -2.89 -14.18
N VAL A 175 7.53 -2.03 -14.56
CA VAL A 175 7.82 -0.61 -14.75
C VAL A 175 6.65 0.14 -14.13
N ILE A 176 6.95 1.16 -13.33
CA ILE A 176 5.93 2.03 -12.80
C ILE A 176 5.99 3.36 -13.56
N LEU A 177 4.86 3.80 -14.09
CA LEU A 177 4.81 5.05 -14.82
C LEU A 177 3.83 5.97 -14.14
N ARG A 178 4.31 7.07 -13.58
CA ARG A 178 3.42 8.02 -12.93
C ARG A 178 2.91 9.04 -13.95
N PHE A 179 1.65 8.88 -14.34
CA PHE A 179 1.08 9.68 -15.44
C PHE A 179 0.85 11.14 -15.06
N SER A 180 1.22 12.02 -15.98
CA SER A 180 0.74 13.39 -15.99
C SER A 180 -0.76 13.38 -16.25
N HIS A 181 -1.47 14.43 -15.83
CA HIS A 181 -2.81 14.63 -16.38
C HIS A 181 -2.68 14.57 -17.90
N THR A 182 -3.60 13.85 -18.54
CA THR A 182 -3.49 13.50 -19.96
C THR A 182 -4.78 13.90 -20.67
N GLN A 183 -4.66 14.51 -21.85
CA GLN A 183 -5.81 14.85 -22.68
C GLN A 183 -5.52 14.56 -24.16
N ASP A 184 -6.55 14.13 -24.90
CA ASP A 184 -6.47 14.21 -26.36
C ASP A 184 -6.48 15.68 -26.69
N ALA A 185 -5.69 16.10 -27.68
CA ALA A 185 -5.56 17.53 -27.98
C ALA A 185 -6.94 18.15 -28.23
N THR A 186 -7.79 17.43 -28.95
CA THR A 186 -9.13 17.90 -29.28
C THR A 186 -10.00 18.16 -28.04
N GLU A 187 -9.62 17.60 -26.90
CA GLU A 187 -10.40 17.81 -25.67
C GLU A 187 -10.24 19.22 -25.14
N LEU A 188 -9.11 19.86 -25.41
CA LEU A 188 -8.73 21.10 -24.74
C LEU A 188 -9.73 22.22 -24.96
N LEU A 189 -10.29 22.28 -26.16
CA LEU A 189 -11.22 23.37 -26.48
C LEU A 189 -12.64 22.87 -26.67
N ASP A 190 -13.01 21.83 -25.91
CA ASP A 190 -14.35 21.27 -25.93
C ASP A 190 -15.00 21.51 -24.58
N GLU A 191 -16.02 22.37 -24.57
CA GLU A 191 -16.75 22.69 -23.35
C GLU A 191 -17.35 21.44 -22.71
N ASP A 192 -17.59 20.41 -23.52
CA ASP A 192 -18.27 19.21 -23.05
C ASP A 192 -17.30 18.12 -22.61
N SER A 193 -16.01 18.33 -22.81
CA SER A 193 -15.01 17.38 -22.33
C SER A 193 -15.06 17.32 -20.79
N PHE A 194 -14.74 16.16 -20.22
CA PHE A 194 -14.91 15.96 -18.79
C PHE A 194 -13.98 16.82 -17.94
N PHE A 195 -12.75 16.98 -18.39
CA PHE A 195 -11.75 17.72 -17.62
C PHE A 195 -11.55 19.13 -18.15
N SER A 196 -11.22 19.25 -19.43
CA SER A 196 -10.86 20.56 -20.01
C SER A 196 -11.99 21.56 -20.11
N GLY A 197 -13.22 21.06 -20.25
CA GLY A 197 -14.38 21.94 -20.25
C GLY A 197 -14.44 22.78 -18.98
N PRO A 198 -14.60 22.11 -17.83
CA PRO A 198 -14.61 22.80 -16.54
C PRO A 198 -13.30 23.51 -16.26
N ARG A 199 -12.20 23.00 -16.81
CA ARG A 199 -10.91 23.62 -16.54
C ARG A 199 -10.78 25.01 -17.18
N PHE A 200 -11.25 25.17 -18.42
CA PHE A 200 -11.00 26.39 -19.18
C PHE A 200 -12.25 27.19 -19.52
N PHE A 201 -13.43 26.65 -19.21
CA PHE A 201 -14.66 27.37 -19.55
C PHE A 201 -15.52 27.56 -18.30
N LEU A 202 -16.00 28.78 -18.08
CA LEU A 202 -16.66 29.11 -16.82
C LEU A 202 -17.94 28.32 -16.58
N ARG A 203 -18.84 28.33 -17.56
CA ARG A 203 -20.14 27.70 -17.35
C ARG A 203 -20.10 26.17 -17.15
N PRO A 204 -19.31 25.44 -17.98
CA PRO A 204 -19.09 24.03 -17.65
C PRO A 204 -18.57 23.79 -16.23
N ARG A 205 -17.70 24.66 -15.75
CA ARG A 205 -17.19 24.51 -14.38
C ARG A 205 -18.30 24.71 -13.35
N ILE A 206 -19.17 25.68 -13.58
CA ILE A 206 -20.34 25.89 -12.71
C ILE A 206 -21.18 24.60 -12.64
N HIS A 207 -21.53 24.05 -13.80
CA HIS A 207 -22.32 22.83 -13.84
C HIS A 207 -21.59 21.69 -13.12
N GLN A 208 -20.31 21.54 -13.41
CA GLN A 208 -19.47 20.53 -12.76
C GLN A 208 -19.57 20.62 -11.24
N GLN A 209 -19.25 21.79 -10.69
CA GLN A 209 -19.22 21.99 -9.25
C GLN A 209 -20.59 21.78 -8.62
N GLN A 210 -21.64 22.23 -9.30
CA GLN A 210 -23.01 21.97 -8.88
C GLN A 210 -23.23 20.47 -8.70
N ASN A 211 -22.84 19.69 -9.70
CA ASN A 211 -23.00 18.23 -9.64
C ASN A 211 -22.14 17.58 -8.56
N PHE A 212 -20.92 18.09 -8.39
CA PHE A 212 -20.04 17.65 -7.30
C PHE A 212 -20.62 18.02 -5.93
N GLY A 213 -21.65 18.86 -5.93
CA GLY A 213 -22.29 19.28 -4.68
C GLY A 213 -21.55 20.37 -3.93
N ASN A 214 -20.55 20.97 -4.57
CA ASN A 214 -19.79 22.05 -3.95
C ASN A 214 -20.51 23.39 -4.06
N ALA A 215 -21.52 23.57 -3.21
CA ALA A 215 -22.45 24.70 -3.29
C ALA A 215 -21.77 26.06 -3.29
N ALA A 216 -20.95 26.32 -2.27
CA ALA A 216 -20.29 27.61 -2.13
C ALA A 216 -19.43 27.96 -3.35
N ILE A 217 -18.79 26.96 -3.94
CA ILE A 217 -17.96 27.16 -5.12
C ILE A 217 -18.82 27.47 -6.35
N ALA A 218 -19.83 26.64 -6.56
CA ALA A 218 -20.71 26.81 -7.71
C ALA A 218 -21.41 28.16 -7.72
N GLU A 219 -21.77 28.65 -6.53
CA GLU A 219 -22.42 29.95 -6.45
C GLU A 219 -21.41 31.10 -6.58
N LEU A 220 -20.18 30.86 -6.14
CA LEU A 220 -19.10 31.83 -6.36
C LEU A 220 -18.86 32.04 -7.85
N LEU A 221 -18.64 30.93 -8.56
CA LEU A 221 -18.40 30.96 -10.00
C LEU A 221 -19.57 31.66 -10.71
N GLN A 222 -20.80 31.31 -10.33
N GLN A 222 -20.78 31.28 -10.33
CA GLN A 222 -21.98 31.96 -10.91
CA GLN A 222 -22.02 31.92 -10.77
C GLN A 222 -21.97 33.48 -10.67
C GLN A 222 -21.95 33.43 -10.66
N SER A 223 -21.37 33.92 -9.57
CA SER A 223 -21.29 35.34 -9.27
C SER A 223 -20.32 36.07 -10.23
N ARG A 224 -19.48 35.30 -10.90
CA ARG A 224 -18.46 35.88 -11.77
C ARG A 224 -18.84 35.80 -13.26
N ASP A 225 -19.96 35.15 -13.57
CA ASP A 225 -20.45 35.06 -14.95
C ASP A 225 -20.81 36.43 -15.52
N ILE A 226 -20.38 36.72 -16.75
CA ILE A 226 -20.52 38.06 -17.33
C ILE A 226 -21.67 38.22 -18.34
N GLY A 227 -22.60 37.27 -18.37
CA GLY A 227 -23.74 37.40 -19.26
C GLY A 227 -23.57 36.71 -20.60
N GLU A 228 -22.34 36.27 -20.88
CA GLU A 228 -22.06 35.47 -22.07
C GLU A 228 -21.05 34.40 -21.68
N PRO A 229 -21.01 33.30 -22.46
CA PRO A 229 -20.03 32.24 -22.18
C PRO A 229 -18.63 32.83 -22.12
N SER A 230 -17.82 32.35 -21.19
CA SER A 230 -16.49 32.88 -21.03
C SER A 230 -15.52 31.77 -20.66
N HIS A 231 -14.23 32.08 -20.77
CA HIS A 231 -13.20 31.24 -20.21
C HIS A 231 -13.02 31.56 -18.75
N ILE A 232 -12.41 30.64 -18.02
CA ILE A 232 -11.97 30.92 -16.67
C ILE A 232 -10.46 30.81 -16.57
N LEU A 233 -9.84 31.82 -15.96
CA LEU A 233 -8.43 31.76 -15.59
C LEU A 233 -8.40 31.53 -14.09
N ALA A 234 -8.09 30.31 -13.69
CA ALA A 234 -8.08 29.95 -12.27
C ALA A 234 -6.80 30.41 -11.58
N ARG A 235 -6.96 31.02 -10.43
CA ARG A 235 -5.84 31.44 -9.59
C ARG A 235 -6.16 31.07 -8.16
N ASN A 236 -5.16 31.05 -7.29
CA ASN A 236 -5.44 30.78 -5.87
C ASN A 236 -5.89 32.03 -5.12
N GLU A 237 -6.03 31.91 -3.80
CA GLU A 237 -6.50 33.03 -2.98
C GLU A 237 -5.57 34.24 -2.99
N ASN A 238 -4.33 34.03 -3.41
CA ASN A 238 -3.34 35.09 -3.49
C ASN A 238 -3.11 35.59 -4.91
N GLY A 239 -3.95 35.13 -5.83
CA GLY A 239 -3.87 35.57 -7.21
C GLY A 239 -2.79 34.86 -8.00
N ARG A 240 -2.24 33.78 -7.46
CA ARG A 240 -1.24 33.00 -8.19
C ARG A 240 -1.96 32.07 -9.17
N PRO A 241 -1.73 32.29 -10.47
CA PRO A 241 -2.38 31.51 -11.53
C PRO A 241 -2.07 30.03 -11.36
N PHE A 242 -3.03 29.16 -11.64
CA PHE A 242 -2.79 27.71 -11.55
C PHE A 242 -1.69 27.32 -12.53
N ARG A 243 -0.92 26.29 -12.17
CA ARG A 243 0.13 25.80 -13.05
C ARG A 243 0.23 24.28 -12.90
N MET A 244 0.19 23.56 -14.01
CA MET A 244 0.15 22.09 -13.94
C MET A 244 0.56 21.53 -15.29
N HIS A 245 0.97 20.26 -15.32
CA HIS A 245 1.31 19.60 -16.60
C HIS A 245 0.04 19.08 -17.25
N ILE A 246 -0.10 19.34 -18.54
CA ILE A 246 -1.13 18.72 -19.34
C ILE A 246 -0.45 18.09 -20.55
N THR A 247 -0.50 16.77 -20.62
CA THR A 247 0.23 16.04 -21.65
C THR A 247 -0.71 15.42 -22.69
N ASP A 248 -0.33 15.54 -23.96
CA ASP A 248 -1.10 14.93 -25.05
C ASP A 248 -1.05 13.41 -24.93
N THR A 249 -2.19 12.77 -25.12
CA THR A 249 -2.27 11.31 -25.17
C THR A 249 -1.17 10.67 -26.04
N ARG A 250 -0.84 11.32 -27.15
CA ARG A 250 0.14 10.74 -28.08
C ARG A 250 1.53 10.67 -27.46
N ASP A 251 1.88 11.64 -26.63
CA ASP A 251 3.16 11.58 -25.93
C ASP A 251 3.14 10.50 -24.85
N MET A 252 2.00 10.31 -24.21
CA MET A 252 1.88 9.27 -23.20
C MET A 252 2.01 7.89 -23.86
N VAL A 253 1.40 7.73 -25.03
CA VAL A 253 1.51 6.47 -25.76
C VAL A 253 2.97 6.16 -26.06
N ALA A 254 3.70 7.17 -26.50
CA ALA A 254 5.13 7.01 -26.83
C ALA A 254 5.92 6.53 -25.63
N GLY A 255 5.66 7.11 -24.45
CA GLY A 255 6.36 6.73 -23.24
C GLY A 255 5.99 5.32 -22.78
N ILE A 256 4.72 4.97 -22.95
CA ILE A 256 4.27 3.62 -22.58
C ILE A 256 4.95 2.56 -23.45
N LEU A 257 5.09 2.85 -24.74
CA LEU A 257 5.73 1.89 -25.64
C LEU A 257 7.21 1.74 -25.30
N LEU A 258 7.83 2.84 -24.87
CA LEU A 258 9.20 2.80 -24.37
C LEU A 258 9.30 1.93 -23.13
N ALA A 259 8.36 2.08 -22.21
CA ALA A 259 8.34 1.25 -21.00
C ALA A 259 8.17 -0.22 -21.36
N LEU A 260 7.35 -0.49 -22.39
CA LEU A 260 7.09 -1.86 -22.81
C LEU A 260 8.34 -2.48 -23.42
N ASP A 261 9.05 -1.72 -24.26
CA ASP A 261 10.11 -2.29 -25.08
C ASP A 261 11.56 -1.98 -24.71
N HIS A 262 11.81 -0.86 -24.04
CA HIS A 262 13.20 -0.47 -23.80
C HIS A 262 13.82 -1.35 -22.70
N PRO A 263 15.04 -1.84 -22.93
CA PRO A 263 15.68 -2.71 -21.92
C PRO A 263 15.93 -2.02 -20.57
N GLU A 264 16.15 -0.71 -20.57
CA GLU A 264 16.50 0.00 -19.33
C GLU A 264 15.29 0.35 -18.48
N ALA A 265 14.09 0.04 -18.95
CA ALA A 265 12.89 0.39 -18.20
C ALA A 265 12.57 -0.64 -17.12
N ALA A 266 13.08 -1.86 -17.28
CA ALA A 266 12.82 -2.93 -16.32
C ALA A 266 13.27 -2.55 -14.92
N GLY A 267 12.39 -2.74 -13.94
CA GLY A 267 12.70 -2.36 -12.58
C GLY A 267 12.67 -0.87 -12.35
N GLY A 268 12.14 -0.12 -13.32
CA GLY A 268 12.16 1.33 -13.22
C GLY A 268 10.86 1.98 -12.74
N THR A 269 10.98 3.21 -12.27
CA THR A 269 9.85 4.06 -11.91
C THR A 269 10.09 5.41 -12.55
N PHE A 270 9.15 5.89 -13.35
CA PHE A 270 9.35 7.12 -14.11
C PHE A 270 8.15 8.03 -14.07
N ASN A 271 8.38 9.34 -13.88
CA ASN A 271 7.35 10.31 -14.20
C ASN A 271 7.21 10.34 -15.71
N LEU A 272 5.97 10.24 -16.20
CA LEU A 272 5.72 10.29 -17.63
C LEU A 272 4.81 11.47 -17.95
N GLY A 273 5.34 12.44 -18.70
CA GLY A 273 4.58 13.63 -19.05
C GLY A 273 5.43 14.58 -19.85
N ALA A 274 4.81 15.67 -20.33
CA ALA A 274 5.51 16.73 -21.04
C ALA A 274 6.57 17.38 -20.15
N ASP A 275 7.56 18.05 -20.76
CA ASP A 275 8.70 18.58 -20.01
C ASP A 275 8.32 19.62 -18.95
N GLU A 276 7.37 20.48 -19.27
CA GLU A 276 7.10 21.63 -18.44
C GLU A 276 5.59 21.79 -18.27
N PRO A 277 5.17 22.37 -17.14
CA PRO A 277 3.75 22.59 -16.88
C PRO A 277 3.26 23.80 -17.65
N ALA A 278 1.95 23.99 -17.71
CA ALA A 278 1.39 25.17 -18.37
C ALA A 278 0.98 26.15 -17.29
N ASP A 279 1.42 27.39 -17.42
CA ASP A 279 0.98 28.39 -16.46
C ASP A 279 -0.26 29.04 -17.03
N PHE A 280 -1.34 29.06 -16.25
CA PHE A 280 -2.64 29.47 -16.80
C PHE A 280 -2.69 30.94 -17.22
N ALA A 281 -1.81 31.77 -16.63
CA ALA A 281 -1.72 33.17 -17.06
C ALA A 281 -1.18 33.31 -18.47
N ALA A 282 -0.45 32.32 -18.95
CA ALA A 282 0.05 32.33 -20.32
C ALA A 282 -0.82 31.48 -21.23
N LEU A 283 -1.37 30.41 -20.66
CA LEU A 283 -2.19 29.45 -21.43
C LEU A 283 -3.55 30.04 -21.82
N LEU A 284 -4.24 30.66 -20.88
CA LEU A 284 -5.59 31.15 -21.14
C LEU A 284 -5.69 32.20 -22.26
N PRO A 285 -4.76 33.18 -22.31
CA PRO A 285 -4.83 34.09 -23.46
C PRO A 285 -4.53 33.39 -24.79
N LYS A 286 -3.71 32.35 -24.80
CA LYS A 286 -3.49 31.56 -26.02
C LYS A 286 -4.77 30.85 -26.41
N ILE A 287 -5.46 30.30 -25.41
CA ILE A 287 -6.74 29.64 -25.63
C ILE A 287 -7.77 30.67 -26.11
N ALA A 288 -7.77 31.84 -25.49
CA ALA A 288 -8.72 32.89 -25.85
C ALA A 288 -8.49 33.38 -27.27
N ALA A 289 -7.23 33.37 -27.71
CA ALA A 289 -6.90 33.84 -29.05
C ALA A 289 -7.46 32.92 -30.11
N LEU A 290 -7.72 31.66 -29.74
CA LEU A 290 -8.20 30.68 -30.70
C LEU A 290 -9.71 30.52 -30.68
N THR A 291 -10.33 30.87 -29.56
N THR A 291 -10.31 30.79 -29.52
CA THR A 291 -11.76 30.69 -29.41
CA THR A 291 -11.76 30.67 -29.38
C THR A 291 -12.52 32.02 -29.56
C THR A 291 -12.51 32.01 -29.57
N GLY A 292 -11.82 33.13 -29.30
CA GLY A 292 -12.46 34.43 -29.34
C GLY A 292 -13.28 34.80 -28.10
N LEU A 293 -13.40 33.86 -27.16
CA LEU A 293 -14.17 34.08 -25.95
C LEU A 293 -13.38 34.93 -24.94
N PRO A 294 -14.06 35.81 -24.18
CA PRO A 294 -13.36 36.61 -23.18
C PRO A 294 -12.90 35.75 -21.99
N ILE A 295 -12.05 36.31 -21.14
CA ILE A 295 -11.53 35.58 -19.99
C ILE A 295 -12.04 36.17 -18.67
N VAL A 296 -12.62 35.34 -17.82
CA VAL A 296 -12.98 35.74 -16.46
C VAL A 296 -11.99 35.15 -15.45
N THR A 297 -11.31 36.02 -14.71
CA THR A 297 -10.29 35.57 -13.76
C THR A 297 -10.89 35.35 -12.37
N VAL A 298 -10.67 34.17 -11.81
CA VAL A 298 -11.26 33.83 -10.52
C VAL A 298 -10.20 33.38 -9.51
N ASP A 299 -10.15 34.07 -8.38
CA ASP A 299 -9.30 33.68 -7.26
C ASP A 299 -10.03 32.71 -6.37
N PHE A 300 -9.62 31.44 -6.39
CA PHE A 300 -10.20 30.42 -5.55
C PHE A 300 -9.63 30.44 -4.14
N PRO A 301 -10.45 30.06 -3.15
CA PRO A 301 -9.94 29.86 -1.78
C PRO A 301 -8.90 28.76 -1.75
N GLY A 302 -7.87 28.90 -0.92
CA GLY A 302 -6.83 27.88 -0.80
C GLY A 302 -5.57 28.21 -1.60
N ASP A 303 -4.60 27.30 -1.57
CA ASP A 303 -3.34 27.55 -2.26
C ASP A 303 -3.38 27.18 -3.74
N GLY A 304 -4.48 26.53 -4.15
CA GLY A 304 -4.67 26.23 -5.56
C GLY A 304 -3.73 25.16 -6.06
N VAL A 305 -3.47 25.21 -7.37
CA VAL A 305 -2.60 24.23 -8.02
C VAL A 305 -1.37 24.93 -8.59
N TYR A 306 -0.19 24.38 -8.30
CA TYR A 306 1.06 24.96 -8.77
C TYR A 306 2.17 23.92 -8.64
N TYR A 307 2.52 23.28 -9.75
CA TYR A 307 3.62 22.31 -9.70
C TYR A 307 4.41 22.20 -10.99
N HIS A 308 5.67 21.80 -10.82
CA HIS A 308 6.53 21.38 -11.92
C HIS A 308 6.95 19.95 -11.58
N THR A 309 6.85 19.06 -12.56
CA THR A 309 7.21 17.65 -12.39
C THR A 309 8.31 17.34 -13.39
N SER A 310 9.39 16.74 -12.90
CA SER A 310 10.55 16.49 -13.76
C SER A 310 10.39 15.19 -14.52
N ASN A 311 10.57 15.20 -15.83
CA ASN A 311 10.59 13.94 -16.58
C ASN A 311 12.02 13.64 -17.00
N GLU A 312 12.98 14.21 -16.28
CA GLU A 312 14.39 14.05 -16.61
C GLU A 312 14.84 12.58 -16.55
N ARG A 313 14.31 11.82 -15.60
CA ARG A 313 14.74 10.43 -15.48
C ARG A 313 14.35 9.62 -16.72
N ILE A 314 13.10 9.77 -17.18
CA ILE A 314 12.65 8.97 -18.32
C ILE A 314 13.32 9.44 -19.62
N ARG A 315 13.63 10.74 -19.70
CA ARG A 315 14.35 11.27 -20.84
C ARG A 315 15.77 10.70 -20.90
N ASN A 316 16.49 10.69 -19.78
CA ASN A 316 17.89 10.28 -19.81
C ASN A 316 18.08 8.76 -19.72
N THR A 317 17.04 8.06 -19.26
CA THR A 317 17.15 6.61 -19.12
C THR A 317 16.61 5.89 -20.35
N LEU A 318 15.46 6.34 -20.86
CA LEU A 318 14.77 5.65 -21.96
C LEU A 318 14.85 6.44 -23.26
N GLY A 319 15.34 7.67 -23.17
CA GLY A 319 15.47 8.51 -24.35
C GLY A 319 14.13 9.08 -24.76
N PHE A 320 13.19 9.12 -23.83
CA PHE A 320 11.87 9.68 -24.10
C PHE A 320 11.98 11.12 -24.60
N GLU A 321 11.19 11.47 -25.60
CA GLU A 321 11.16 12.84 -26.10
C GLU A 321 9.73 13.25 -26.41
N ALA A 322 9.17 14.10 -25.57
CA ALA A 322 7.82 14.60 -25.80
C ALA A 322 7.83 15.52 -27.02
N GLU A 323 6.80 15.44 -27.85
CA GLU A 323 6.76 16.29 -29.04
C GLU A 323 5.51 17.14 -29.14
N TRP A 324 4.51 16.88 -28.31
CA TRP A 324 3.29 17.68 -28.38
C TRP A 324 3.27 18.85 -27.40
N THR A 325 3.90 19.94 -27.84
CA THR A 325 3.89 21.21 -27.13
C THR A 325 2.47 21.73 -27.04
N MET A 326 2.20 22.57 -26.04
CA MET A 326 0.87 23.15 -25.91
C MET A 326 0.42 23.87 -27.20
N ASP A 327 1.32 24.59 -27.84
CA ASP A 327 1.01 25.26 -29.11
C ASP A 327 0.51 24.28 -30.18
N ARG A 328 1.19 23.15 -30.32
CA ARG A 328 0.78 22.13 -31.28
C ARG A 328 -0.57 21.53 -30.90
N MET A 329 -0.73 21.23 -29.62
CA MET A 329 -1.98 20.73 -29.10
C MET A 329 -3.12 21.71 -29.35
N LEU A 330 -2.92 22.96 -28.96
CA LEU A 330 -3.90 24.03 -29.16
C LEU A 330 -4.26 24.25 -30.63
N GLU A 331 -3.27 24.18 -31.50
CA GLU A 331 -3.50 24.36 -32.92
C GLU A 331 -4.46 23.29 -33.44
N GLU A 332 -4.26 22.07 -32.98
CA GLU A 332 -5.10 20.95 -33.40
C GLU A 332 -6.45 20.97 -32.70
N ALA A 333 -6.47 21.41 -31.44
CA ALA A 333 -7.73 21.55 -30.70
C ALA A 333 -8.62 22.60 -31.38
N ALA A 334 -8.00 23.67 -31.85
CA ALA A 334 -8.73 24.78 -32.46
C ALA A 334 -9.37 24.38 -33.77
N THR A 335 -8.63 23.65 -34.60
CA THR A 335 -9.13 23.15 -35.87
C THR A 335 -10.35 22.27 -35.67
N ALA A 336 -10.29 21.42 -34.64
CA ALA A 336 -11.41 20.55 -34.31
C ALA A 336 -12.63 21.35 -33.84
N ARG A 337 -12.38 22.34 -32.99
CA ARG A 337 -13.45 23.22 -32.53
C ARG A 337 -14.13 23.94 -33.73
N ARG A 338 -13.32 24.46 -34.64
CA ARG A 338 -13.86 25.15 -35.82
C ARG A 338 -14.68 24.23 -36.74
N GLN A 339 -14.28 22.96 -36.83
CA GLN A 339 -15.01 22.00 -37.65
C GLN A 339 -16.33 21.65 -36.94
N ARG A 340 -16.28 21.55 -35.62
CA ARG A 340 -17.49 21.34 -34.81
C ARG A 340 -18.48 22.49 -34.97
N LEU A 341 -17.99 23.72 -34.89
CA LEU A 341 -18.85 24.90 -35.05
C LEU A 341 -19.49 24.92 -36.43
N ALA A 342 -18.68 24.72 -37.46
CA ALA A 342 -19.18 24.71 -38.83
C ALA A 342 -20.26 23.64 -39.09
N LYS A 343 -20.44 22.71 -38.16
CA LYS A 343 -21.55 21.77 -38.24
C LYS A 343 -22.78 22.34 -37.52
N GLU A 344 -22.55 22.89 -36.33
CA GLU A 344 -23.59 23.65 -35.63
C GLU A 344 -24.01 24.82 -36.51
N GLN A 345 -23.02 25.48 -37.09
CA GLN A 345 -23.24 26.63 -37.95
C GLN A 345 -23.80 26.21 -39.32
N ARG A 346 -23.39 25.02 -39.75
CA ARG A 346 -23.60 24.52 -41.12
C ARG A 346 -22.91 25.35 -42.19
N ARG A 347 -22.07 26.30 -41.77
CA ARG A 347 -21.27 27.11 -42.69
C ARG A 347 -20.31 26.26 -43.50
N HIS B 20 -13.95 7.03 28.09
CA HIS B 20 -12.84 6.76 27.19
C HIS B 20 -12.77 5.30 26.82
N MET B 21 -13.76 4.78 26.11
CA MET B 21 -13.72 3.37 25.73
C MET B 21 -12.63 3.04 24.71
N ILE B 22 -11.82 2.05 25.04
CA ILE B 22 -10.73 1.59 24.17
C ILE B 22 -11.12 0.30 23.46
N LEU B 23 -11.10 0.34 22.12
CA LEU B 23 -11.35 -0.86 21.33
C LEU B 23 -10.04 -1.56 21.07
N VAL B 24 -9.97 -2.86 21.38
CA VAL B 24 -8.78 -3.64 21.07
C VAL B 24 -9.15 -4.77 20.12
N THR B 25 -8.74 -4.68 18.86
CA THR B 25 -8.98 -5.78 17.93
C THR B 25 -7.92 -6.87 18.15
N GLY B 26 -8.24 -8.11 17.80
CA GLY B 26 -7.35 -9.22 18.08
C GLY B 26 -7.24 -9.52 19.56
N SER B 27 -8.27 -9.14 20.31
CA SER B 27 -8.28 -9.27 21.77
C SER B 27 -8.31 -10.70 22.32
N ALA B 28 -8.49 -11.68 21.43
CA ALA B 28 -8.46 -13.07 21.87
C ALA B 28 -7.09 -13.66 21.58
N GLY B 29 -6.22 -12.85 20.96
CA GLY B 29 -4.89 -13.29 20.56
C GLY B 29 -3.81 -13.10 21.62
N ARG B 30 -2.58 -13.49 21.29
CA ARG B 30 -1.46 -13.44 22.25
C ARG B 30 -1.25 -12.06 22.88
N VAL B 31 -1.06 -11.06 22.04
CA VAL B 31 -0.77 -9.72 22.54
C VAL B 31 -2.05 -9.01 22.94
N GLY B 32 -3.09 -9.16 22.13
CA GLY B 32 -4.36 -8.48 22.39
C GLY B 32 -4.99 -8.85 23.73
N ARG B 33 -5.02 -10.13 24.07
CA ARG B 33 -5.62 -10.49 25.37
C ARG B 33 -4.80 -9.97 26.54
N ALA B 34 -3.48 -9.89 26.39
CA ALA B 34 -2.65 -9.34 27.45
C ALA B 34 -2.80 -7.82 27.59
N VAL B 35 -2.98 -7.14 26.46
CA VAL B 35 -3.23 -5.69 26.44
C VAL B 35 -4.56 -5.38 27.13
N VAL B 36 -5.59 -6.14 26.75
CA VAL B 36 -6.90 -6.02 27.37
C VAL B 36 -6.84 -6.26 28.88
N ALA B 37 -6.18 -7.33 29.30
CA ALA B 37 -6.06 -7.63 30.74
C ALA B 37 -5.35 -6.51 31.48
N ALA B 38 -4.31 -5.94 30.89
CA ALA B 38 -3.60 -4.84 31.55
C ALA B 38 -4.48 -3.60 31.67
N LEU B 39 -5.21 -3.25 30.61
CA LEU B 39 -6.10 -2.09 30.65
C LEU B 39 -7.20 -2.24 31.70
N ARG B 40 -7.81 -3.42 31.77
CA ARG B 40 -8.85 -3.69 32.78
C ARG B 40 -8.27 -3.77 34.18
N THR B 41 -7.01 -4.19 34.29
CA THR B 41 -6.34 -4.19 35.60
C THR B 41 -6.12 -2.74 36.07
N GLN B 42 -5.97 -1.83 35.10
CA GLN B 42 -5.86 -0.42 35.41
C GLN B 42 -7.23 0.22 35.63
N GLY B 43 -8.29 -0.58 35.53
CA GLY B 43 -9.63 -0.09 35.75
C GLY B 43 -10.17 0.76 34.62
N ARG B 44 -9.67 0.50 33.41
CA ARG B 44 -10.09 1.23 32.22
C ARG B 44 -11.18 0.49 31.48
N THR B 45 -11.97 1.23 30.70
CA THR B 45 -13.07 0.65 29.95
C THR B 45 -12.57 0.17 28.59
N VAL B 46 -12.77 -1.11 28.30
CA VAL B 46 -12.23 -1.75 27.10
C VAL B 46 -13.32 -2.57 26.43
N ARG B 47 -13.32 -2.58 25.10
CA ARG B 47 -14.16 -3.48 24.34
C ARG B 47 -13.26 -4.34 23.47
N GLY B 48 -13.40 -5.66 23.56
CA GLY B 48 -12.68 -6.56 22.66
C GLY B 48 -13.32 -6.72 21.29
N PHE B 49 -12.56 -7.27 20.34
CA PHE B 49 -13.07 -7.52 18.99
C PHE B 49 -12.19 -8.60 18.39
N ASP B 50 -12.77 -9.77 18.20
CA ASP B 50 -12.04 -10.92 17.66
C ASP B 50 -13.03 -11.96 17.14
N LEU B 51 -12.52 -12.89 16.33
CA LEU B 51 -13.33 -13.97 15.76
C LEU B 51 -13.91 -14.95 16.77
N ARG B 52 -13.30 -15.01 17.95
CA ARG B 52 -13.73 -15.94 18.99
C ARG B 52 -13.86 -15.14 20.28
N PRO B 53 -14.66 -15.64 21.23
CA PRO B 53 -14.67 -15.02 22.57
C PRO B 53 -13.30 -15.18 23.20
N SER B 54 -12.90 -14.24 24.05
CA SER B 54 -11.62 -14.32 24.73
C SER B 54 -11.67 -15.36 25.85
N GLY B 55 -12.87 -15.58 26.40
CA GLY B 55 -13.01 -16.50 27.49
C GLY B 55 -12.87 -15.80 28.84
N THR B 56 -12.71 -14.48 28.83
CA THR B 56 -12.58 -13.70 30.07
C THR B 56 -13.93 -13.22 30.58
N GLY B 57 -14.94 -13.23 29.71
CA GLY B 57 -16.25 -12.73 30.08
C GLY B 57 -16.37 -11.21 30.03
N GLY B 58 -15.34 -10.55 29.52
CA GLY B 58 -15.37 -9.10 29.38
C GLY B 58 -16.18 -8.68 28.18
N GLU B 59 -16.44 -7.38 28.05
CA GLU B 59 -17.19 -6.87 26.91
C GLU B 59 -16.36 -7.04 25.64
N GLU B 60 -16.95 -7.63 24.62
CA GLU B 60 -16.24 -7.88 23.37
C GLU B 60 -17.19 -8.17 22.23
N VAL B 61 -16.81 -7.78 21.02
CA VAL B 61 -17.51 -8.21 19.83
C VAL B 61 -16.91 -9.54 19.40
N VAL B 62 -17.76 -10.53 19.15
CA VAL B 62 -17.31 -11.76 18.55
C VAL B 62 -17.67 -11.68 17.09
N GLY B 63 -16.67 -11.42 16.25
CA GLY B 63 -16.94 -11.15 14.84
C GLY B 63 -15.68 -10.88 14.07
N SER B 64 -15.86 -10.51 12.80
CA SER B 64 -14.74 -10.38 11.88
C SER B 64 -14.53 -8.95 11.41
N LEU B 65 -13.27 -8.60 11.19
CA LEU B 65 -12.89 -7.34 10.59
C LEU B 65 -13.41 -7.19 9.17
N GLU B 66 -13.78 -8.31 8.55
CA GLU B 66 -14.31 -8.29 7.18
C GLU B 66 -15.77 -7.86 7.13
N ASP B 67 -16.40 -7.81 8.31
CA ASP B 67 -17.83 -7.61 8.40
C ASP B 67 -18.12 -6.16 8.76
N GLY B 68 -18.69 -5.42 7.81
CA GLY B 68 -18.99 -4.01 8.02
C GLY B 68 -19.87 -3.76 9.24
N GLN B 69 -20.78 -4.69 9.51
CA GLN B 69 -21.70 -4.57 10.64
C GLN B 69 -20.96 -4.72 11.97
N ALA B 70 -20.04 -5.69 12.02
CA ALA B 70 -19.19 -5.86 13.19
C ALA B 70 -18.37 -4.59 13.45
N LEU B 71 -17.83 -4.02 12.38
CA LEU B 71 -17.02 -2.81 12.49
C LEU B 71 -17.79 -1.66 13.12
N SER B 72 -19.00 -1.41 12.63
CA SER B 72 -19.81 -0.31 13.16
C SER B 72 -20.22 -0.55 14.60
N ASP B 73 -20.55 -1.79 14.95
CA ASP B 73 -20.88 -2.14 16.32
C ASP B 73 -19.68 -1.93 17.23
N ALA B 74 -18.53 -2.40 16.77
CA ALA B 74 -17.30 -2.35 17.55
C ALA B 74 -16.86 -0.92 17.81
N ILE B 75 -17.08 -0.03 16.86
CA ILE B 75 -16.52 1.32 16.94
C ILE B 75 -17.39 2.32 17.72
N MET B 76 -18.64 1.96 17.96
CA MET B 76 -19.58 2.85 18.65
C MET B 76 -19.08 3.31 20.01
N GLY B 77 -18.96 4.63 20.17
CA GLY B 77 -18.59 5.23 21.45
C GLY B 77 -17.13 5.02 21.82
N VAL B 78 -16.32 4.63 20.85
CA VAL B 78 -14.91 4.34 21.08
C VAL B 78 -14.06 5.61 20.98
N SER B 79 -13.14 5.81 21.91
CA SER B 79 -12.26 6.98 21.88
C SER B 79 -10.85 6.63 21.39
N ALA B 80 -10.48 5.36 21.43
CA ALA B 80 -9.16 4.96 20.96
C ALA B 80 -9.19 3.53 20.50
N VAL B 81 -8.41 3.23 19.48
CA VAL B 81 -8.37 1.89 18.91
C VAL B 81 -6.95 1.36 18.95
N LEU B 82 -6.79 0.16 19.51
CA LEU B 82 -5.53 -0.56 19.42
C LEU B 82 -5.77 -1.74 18.45
N HIS B 83 -5.28 -1.59 17.21
CA HIS B 83 -5.60 -2.53 16.15
C HIS B 83 -4.53 -3.60 16.04
N LEU B 84 -4.74 -4.71 16.75
CA LEU B 84 -3.80 -5.83 16.77
C LEU B 84 -4.30 -7.04 15.99
N GLY B 85 -5.58 -7.04 15.61
CA GLY B 85 -6.11 -8.19 14.89
C GLY B 85 -5.63 -8.26 13.45
N ALA B 86 -5.16 -9.43 13.05
CA ALA B 86 -4.64 -9.66 11.70
C ALA B 86 -4.46 -11.15 11.47
N PHE B 87 -4.45 -11.54 10.20
CA PHE B 87 -4.31 -12.95 9.82
C PHE B 87 -2.88 -13.13 9.32
N MET B 88 -2.14 -14.05 9.93
CA MET B 88 -0.79 -14.34 9.44
C MET B 88 -0.75 -15.76 8.88
N SER B 89 -0.53 -15.87 7.57
CA SER B 89 -0.41 -17.18 6.94
C SER B 89 0.68 -17.21 5.88
N TRP B 90 1.13 -18.42 5.55
CA TRP B 90 2.18 -18.65 4.58
C TRP B 90 1.54 -19.24 3.33
N ALA B 91 0.53 -20.07 3.55
CA ALA B 91 -0.15 -20.82 2.49
C ALA B 91 -0.79 -19.94 1.43
N PRO B 92 -0.62 -20.31 0.16
CA PRO B 92 -1.22 -19.61 -0.99
C PRO B 92 -2.75 -19.55 -0.94
N ALA B 93 -3.40 -20.64 -0.53
CA ALA B 93 -4.87 -20.64 -0.40
C ALA B 93 -5.39 -19.56 0.56
N ASP B 94 -4.58 -19.19 1.54
CA ASP B 94 -5.00 -18.20 2.54
C ASP B 94 -4.73 -16.76 2.12
N ARG B 95 -4.10 -16.57 0.97
CA ARG B 95 -3.61 -15.25 0.61
C ARG B 95 -4.73 -14.23 0.41
N ASP B 96 -5.79 -14.60 -0.30
CA ASP B 96 -6.92 -13.69 -0.48
C ASP B 96 -7.49 -13.20 0.86
N ARG B 97 -7.68 -14.12 1.82
CA ARG B 97 -8.27 -13.71 3.06
C ARG B 97 -7.30 -12.89 3.88
N MET B 98 -6.01 -13.20 3.78
CA MET B 98 -5.01 -12.40 4.51
C MET B 98 -5.04 -10.95 4.02
N PHE B 99 -5.19 -10.74 2.71
CA PHE B 99 -5.33 -9.36 2.22
C PHE B 99 -6.68 -8.75 2.62
N ALA B 100 -7.75 -9.54 2.57
CA ALA B 100 -9.06 -9.03 2.97
C ALA B 100 -9.06 -8.56 4.43
N VAL B 101 -8.44 -9.35 5.31
CA VAL B 101 -8.42 -9.02 6.73
C VAL B 101 -7.42 -7.91 7.04
N ASN B 102 -6.19 -8.06 6.55
CA ASN B 102 -5.12 -7.15 6.97
C ASN B 102 -5.16 -5.80 6.27
N VAL B 103 -5.55 -5.82 5.00
CA VAL B 103 -5.58 -4.58 4.24
C VAL B 103 -6.99 -3.97 4.21
N GLU B 104 -7.95 -4.69 3.65
CA GLU B 104 -9.29 -4.11 3.56
C GLU B 104 -9.96 -3.94 4.93
N GLY B 105 -9.72 -4.88 5.84
CA GLY B 105 -10.24 -4.75 7.18
C GLY B 105 -9.68 -3.51 7.88
N THR B 106 -8.38 -3.32 7.76
CA THR B 106 -7.74 -2.11 8.31
C THR B 106 -8.27 -0.83 7.66
N ARG B 107 -8.44 -0.86 6.34
CA ARG B 107 -8.93 0.35 5.64
C ARG B 107 -10.28 0.77 6.19
N ARG B 108 -11.20 -0.19 6.30
CA ARG B 108 -12.56 0.11 6.75
C ARG B 108 -12.65 0.39 8.25
N LEU B 109 -11.77 -0.24 9.04
CA LEU B 109 -11.68 0.08 10.47
C LEU B 109 -11.20 1.51 10.69
N LEU B 110 -10.17 1.93 9.96
CA LEU B 110 -9.65 3.29 10.01
C LEU B 110 -10.71 4.31 9.65
N ASP B 111 -11.42 4.03 8.56
CA ASP B 111 -12.46 4.97 8.12
C ASP B 111 -13.58 5.06 9.15
N ALA B 112 -14.00 3.92 9.67
CA ALA B 112 -15.04 3.88 10.69
C ALA B 112 -14.61 4.64 11.95
N ALA B 113 -13.35 4.46 12.34
CA ALA B 113 -12.82 5.13 13.53
C ALA B 113 -12.73 6.64 13.31
N SER B 114 -12.22 7.04 12.15
CA SER B 114 -12.12 8.47 11.85
C SER B 114 -13.51 9.11 11.87
N ALA B 115 -14.46 8.43 11.22
CA ALA B 115 -15.82 8.97 11.14
C ALA B 115 -16.49 9.03 12.52
N ALA B 116 -16.07 8.18 13.44
CA ALA B 116 -16.68 8.12 14.75
C ALA B 116 -16.05 9.09 15.75
N GLY B 117 -15.01 9.79 15.30
CA GLY B 117 -14.34 10.75 16.17
C GLY B 117 -13.32 10.15 17.11
N VAL B 118 -12.87 8.93 16.81
CA VAL B 118 -11.81 8.30 17.61
C VAL B 118 -10.59 9.23 17.72
N ARG B 119 -9.98 9.33 18.90
CA ARG B 119 -8.92 10.32 19.10
C ARG B 119 -7.54 9.80 18.73
N ARG B 120 -7.28 8.53 18.98
CA ARG B 120 -5.99 7.93 18.63
C ARG B 120 -6.17 6.49 18.14
N PHE B 121 -5.43 6.12 17.09
CA PHE B 121 -5.49 4.78 16.49
C PHE B 121 -4.07 4.22 16.44
N VAL B 122 -3.84 3.11 17.14
CA VAL B 122 -2.51 2.49 17.21
C VAL B 122 -2.50 1.21 16.39
N PHE B 123 -1.54 1.11 15.47
CA PHE B 123 -1.51 0.00 14.54
C PHE B 123 -0.34 -0.93 14.79
N ALA B 124 -0.65 -2.23 14.93
CA ALA B 124 0.40 -3.24 15.02
C ALA B 124 0.92 -3.58 13.64
N SER B 125 2.16 -3.16 13.37
CA SER B 125 2.85 -3.55 12.16
C SER B 125 3.86 -4.63 12.53
N SER B 126 4.88 -4.78 11.69
CA SER B 126 5.79 -5.92 11.83
C SER B 126 7.16 -5.57 11.27
N GLY B 127 8.18 -6.23 11.80
CA GLY B 127 9.52 -6.11 11.27
C GLY B 127 9.65 -6.72 9.89
N GLU B 128 8.65 -7.48 9.48
CA GLU B 128 8.62 -7.99 8.10
C GLU B 128 8.39 -6.88 7.07
N VAL B 129 8.10 -5.65 7.51
CA VAL B 129 7.98 -4.58 6.52
C VAL B 129 9.32 -4.17 5.94
N TYR B 130 10.40 -4.45 6.68
CA TYR B 130 11.74 -4.03 6.24
C TYR B 130 12.35 -4.83 5.06
N PRO B 131 12.51 -6.15 5.21
CA PRO B 131 12.27 -7.10 6.30
C PRO B 131 13.52 -7.30 7.14
N GLU B 132 13.34 -7.60 8.42
CA GLU B 132 14.45 -7.98 9.26
C GLU B 132 15.11 -9.28 8.75
N ASN B 133 14.34 -10.12 8.07
CA ASN B 133 14.90 -11.37 7.54
C ASN B 133 15.91 -11.14 6.41
N ARG B 134 15.99 -9.88 5.96
CA ARG B 134 16.97 -9.49 4.94
C ARG B 134 17.29 -8.00 5.04
N PRO B 135 18.03 -7.60 6.08
CA PRO B 135 18.30 -6.17 6.31
C PRO B 135 19.33 -5.63 5.33
N GLU B 136 19.29 -4.31 5.11
CA GLU B 136 20.26 -3.65 4.23
C GLU B 136 21.34 -2.97 5.04
N PHE B 137 21.08 -2.81 6.34
CA PHE B 137 22.08 -2.34 7.28
C PHE B 137 21.63 -2.64 8.70
N LEU B 138 22.61 -2.77 9.60
CA LEU B 138 22.33 -3.05 11.00
C LEU B 138 22.94 -1.94 11.88
N PRO B 139 22.26 -1.61 13.00
CA PRO B 139 20.96 -2.17 13.37
C PRO B 139 19.83 -1.56 12.54
N VAL B 140 18.72 -2.29 12.41
CA VAL B 140 17.60 -1.81 11.62
C VAL B 140 16.88 -0.70 12.35
N THR B 141 16.77 0.47 11.73
CA THR B 141 16.07 1.59 12.35
C THR B 141 14.79 1.88 11.58
N GLU B 142 13.97 2.78 12.11
CA GLU B 142 12.69 3.10 11.47
C GLU B 142 12.84 3.72 10.08
N ASP B 143 14.03 4.21 9.76
CA ASP B 143 14.31 4.83 8.46
C ASP B 143 14.84 3.84 7.41
N HIS B 144 15.03 2.59 7.82
CA HIS B 144 15.41 1.54 6.90
C HIS B 144 14.31 1.44 5.85
N PRO B 145 14.68 1.18 4.59
CA PRO B 145 13.64 1.15 3.56
C PRO B 145 12.65 0.03 3.80
N LEU B 146 11.44 0.19 3.29
CA LEU B 146 10.39 -0.79 3.52
C LEU B 146 10.20 -1.66 2.27
N CYS B 147 10.87 -2.81 2.25
CA CYS B 147 10.88 -3.70 1.08
C CYS B 147 10.51 -5.14 1.45
N PRO B 148 9.26 -5.36 1.88
CA PRO B 148 8.85 -6.69 2.37
C PRO B 148 9.01 -7.76 1.30
N ASN B 149 9.39 -8.97 1.69
CA ASN B 149 9.55 -10.06 0.74
C ASN B 149 8.57 -11.22 0.95
N SER B 150 7.68 -11.07 1.92
CA SER B 150 6.61 -12.04 2.12
C SER B 150 5.28 -11.32 1.92
N PRO B 151 4.25 -12.06 1.46
CA PRO B 151 2.91 -11.48 1.33
C PRO B 151 2.38 -10.94 2.66
N TYR B 152 2.71 -11.57 3.79
CA TYR B 152 2.28 -11.02 5.09
C TYR B 152 2.94 -9.68 5.31
N GLY B 153 4.23 -9.59 5.00
CA GLY B 153 4.98 -8.36 5.17
C GLY B 153 4.40 -7.24 4.32
N LEU B 154 3.94 -7.60 3.13
CA LEU B 154 3.32 -6.66 2.20
C LEU B 154 1.99 -6.16 2.75
N THR B 155 1.19 -7.05 3.32
CA THR B 155 -0.08 -6.62 3.93
C THR B 155 0.13 -5.59 5.04
N LYS B 156 1.22 -5.75 5.80
CA LYS B 156 1.49 -4.80 6.89
C LYS B 156 2.01 -3.47 6.39
N LEU B 157 2.82 -3.52 5.33
CA LEU B 157 3.26 -2.28 4.70
C LEU B 157 2.08 -1.51 4.10
N LEU B 158 1.17 -2.21 3.40
CA LEU B 158 -0.02 -1.55 2.86
C LEU B 158 -0.84 -0.99 4.02
N GLY B 159 -0.87 -1.74 5.11
CA GLY B 159 -1.55 -1.30 6.31
C GLY B 159 -0.98 0.00 6.86
N GLU B 160 0.35 0.10 6.94
CA GLU B 160 0.96 1.34 7.39
C GLU B 160 0.62 2.49 6.46
N GLU B 161 0.51 2.22 5.16
CA GLU B 161 0.25 3.34 4.25
C GLU B 161 -1.18 3.84 4.45
N LEU B 162 -2.10 2.93 4.74
CA LEU B 162 -3.45 3.33 5.11
C LEU B 162 -3.44 4.23 6.34
N VAL B 163 -2.68 3.84 7.35
CA VAL B 163 -2.58 4.62 8.60
C VAL B 163 -1.95 5.98 8.33
N ARG B 164 -0.87 6.00 7.56
CA ARG B 164 -0.20 7.26 7.21
C ARG B 164 -1.16 8.20 6.47
N PHE B 165 -2.04 7.64 5.64
CA PHE B 165 -3.02 8.47 4.94
C PHE B 165 -3.89 9.20 5.94
N HIS B 166 -4.38 8.48 6.94
CA HIS B 166 -5.23 9.08 7.96
C HIS B 166 -4.46 10.06 8.86
N GLN B 167 -3.20 9.75 9.14
CA GLN B 167 -2.35 10.65 9.95
C GLN B 167 -2.23 12.05 9.33
N ARG B 168 -1.99 12.09 8.02
CA ARG B 168 -1.79 13.36 7.31
C ARG B 168 -3.11 14.09 7.12
N SER B 169 -4.19 13.33 7.13
CA SER B 169 -5.49 13.85 6.73
C SER B 169 -6.28 14.44 7.89
N GLY B 170 -6.93 13.56 8.64
CA GLY B 170 -7.94 13.99 9.59
C GLY B 170 -7.48 14.40 10.99
N ALA B 171 -8.44 14.41 11.90
CA ALA B 171 -8.18 14.81 13.28
C ALA B 171 -7.70 13.65 14.14
N MET B 172 -7.73 12.45 13.60
CA MET B 172 -7.35 11.26 14.38
C MET B 172 -5.83 11.09 14.49
N GLU B 173 -5.33 10.98 15.71
CA GLU B 173 -3.91 10.68 15.93
C GLU B 173 -3.64 9.22 15.57
N THR B 174 -2.45 8.92 15.06
CA THR B 174 -2.09 7.54 14.75
C THR B 174 -0.71 7.26 15.33
N VAL B 175 -0.45 5.98 15.58
CA VAL B 175 0.86 5.53 16.02
C VAL B 175 1.10 4.22 15.30
N ILE B 176 2.27 4.05 14.68
CA ILE B 176 2.60 2.76 14.09
C ILE B 176 3.67 2.08 14.92
N LEU B 177 3.41 0.84 15.31
CA LEU B 177 4.38 0.08 16.10
C LEU B 177 4.82 -1.14 15.31
N ARG B 178 6.09 -1.19 14.93
CA ARG B 178 6.57 -2.37 14.22
C ARG B 178 7.02 -3.42 15.25
N PHE B 179 6.24 -4.50 15.37
CA PHE B 179 6.43 -5.48 16.46
C PHE B 179 7.61 -6.39 16.18
N SER B 180 8.42 -6.63 17.22
CA SER B 180 9.38 -7.72 17.25
C SER B 180 8.59 -9.01 17.23
N HIS B 181 9.23 -10.11 16.83
CA HIS B 181 8.67 -11.42 17.13
C HIS B 181 8.35 -11.47 18.62
N THR B 182 7.17 -11.98 18.97
CA THR B 182 6.67 -11.83 20.34
C THR B 182 6.19 -13.17 20.86
N GLN B 183 6.57 -13.49 22.11
CA GLN B 183 6.17 -14.74 22.74
C GLN B 183 5.76 -14.53 24.19
N ASP B 184 4.77 -15.30 24.65
CA ASP B 184 4.57 -15.45 26.08
C ASP B 184 5.79 -16.23 26.56
N ALA B 185 6.30 -15.90 27.76
CA ALA B 185 7.52 -16.56 28.23
C ALA B 185 7.32 -18.07 28.25
N THR B 186 6.13 -18.50 28.66
CA THR B 186 5.83 -19.92 28.79
C THR B 186 5.81 -20.69 27.46
N GLU B 187 5.77 -20.00 26.33
CA GLU B 187 5.79 -20.69 25.03
C GLU B 187 7.19 -21.18 24.68
N LEU B 188 8.21 -20.54 25.26
CA LEU B 188 9.59 -20.76 24.85
C LEU B 188 10.03 -22.21 24.98
N LEU B 189 9.65 -22.87 26.07
CA LEU B 189 10.04 -24.26 26.27
C LEU B 189 8.86 -25.22 26.11
N ASP B 190 7.92 -24.87 25.23
CA ASP B 190 6.78 -25.72 24.93
C ASP B 190 6.94 -26.28 23.52
N GLU B 191 7.12 -27.60 23.43
CA GLU B 191 7.22 -28.29 22.14
C GLU B 191 6.03 -28.02 21.23
N ASP B 192 4.88 -27.78 21.84
CA ASP B 192 3.65 -27.68 21.08
C ASP B 192 3.26 -26.24 20.73
N SER B 193 4.05 -25.26 21.17
CA SER B 193 3.81 -23.87 20.76
C SER B 193 4.04 -23.70 19.26
N PHE B 194 3.36 -22.74 18.65
CA PHE B 194 3.41 -22.62 17.19
C PHE B 194 4.77 -22.16 16.65
N PHE B 195 5.39 -21.20 17.32
CA PHE B 195 6.70 -20.72 16.88
C PHE B 195 7.87 -21.34 17.61
N SER B 196 7.81 -21.39 18.95
CA SER B 196 8.97 -21.76 19.76
C SER B 196 9.28 -23.27 19.74
N GLY B 197 8.25 -24.07 19.50
CA GLY B 197 8.47 -25.50 19.33
C GLY B 197 9.44 -25.80 18.20
N PRO B 198 9.07 -25.41 16.96
CA PRO B 198 9.94 -25.59 15.80
C PRO B 198 11.24 -24.78 15.90
N ARG B 199 11.23 -23.61 16.54
CA ARG B 199 12.47 -22.84 16.64
C ARG B 199 13.54 -23.55 17.48
N PHE B 200 13.11 -24.18 18.58
CA PHE B 200 14.06 -24.77 19.52
C PHE B 200 14.02 -26.30 19.64
N PHE B 201 13.03 -26.96 19.06
CA PHE B 201 12.96 -28.41 19.18
C PHE B 201 12.98 -29.07 17.81
N LEU B 202 13.86 -30.06 17.63
CA LEU B 202 14.06 -30.68 16.31
C LEU B 202 12.81 -31.32 15.74
N ARG B 203 12.15 -32.17 16.53
CA ARG B 203 11.00 -32.93 16.02
C ARG B 203 9.73 -32.10 15.68
N PRO B 204 9.39 -31.11 16.53
CA PRO B 204 8.32 -30.20 16.07
C PRO B 204 8.71 -29.45 14.81
N ARG B 205 10.01 -29.23 14.59
CA ARG B 205 10.47 -28.53 13.40
C ARG B 205 10.39 -29.39 12.12
N ILE B 206 10.79 -30.65 12.24
CA ILE B 206 10.65 -31.59 11.14
C ILE B 206 9.18 -31.62 10.75
N HIS B 207 8.34 -31.76 11.77
CA HIS B 207 6.90 -31.86 11.60
C HIS B 207 6.36 -30.57 10.97
N GLN B 208 7.02 -29.45 11.25
CA GLN B 208 6.64 -28.17 10.68
C GLN B 208 7.08 -28.06 9.22
N GLN B 209 8.37 -28.26 8.97
CA GLN B 209 8.92 -28.10 7.62
C GLN B 209 8.30 -29.04 6.61
N GLN B 210 7.95 -30.25 7.08
CA GLN B 210 7.17 -31.18 6.27
C GLN B 210 5.84 -30.55 5.88
N ASN B 211 5.10 -30.08 6.87
CA ASN B 211 3.77 -29.50 6.63
C ASN B 211 3.79 -28.24 5.78
N PHE B 212 4.85 -27.45 5.90
CA PHE B 212 5.09 -26.36 4.97
C PHE B 212 5.18 -26.97 3.57
N GLY B 213 5.98 -28.01 3.43
CA GLY B 213 6.18 -28.69 2.17
C GLY B 213 7.57 -28.48 1.61
N ASN B 214 8.52 -28.15 2.48
CA ASN B 214 9.90 -28.02 2.05
C ASN B 214 10.68 -29.31 2.34
N ALA B 215 10.51 -30.25 1.43
CA ALA B 215 11.04 -31.60 1.56
C ALA B 215 12.54 -31.60 1.78
N ALA B 216 13.27 -30.92 0.91
CA ALA B 216 14.73 -30.82 1.00
C ALA B 216 15.21 -30.23 2.34
N ILE B 217 14.32 -29.57 3.07
CA ILE B 217 14.63 -29.08 4.42
C ILE B 217 14.24 -30.14 5.47
N ALA B 218 13.00 -30.62 5.38
CA ALA B 218 12.48 -31.62 6.31
C ALA B 218 13.32 -32.90 6.28
N GLU B 219 13.58 -33.39 5.08
CA GLU B 219 14.43 -34.57 4.91
C GLU B 219 15.78 -34.38 5.59
N LEU B 220 16.38 -33.21 5.41
CA LEU B 220 17.66 -32.90 6.03
C LEU B 220 17.59 -32.94 7.56
N LEU B 221 16.52 -32.40 8.12
CA LEU B 221 16.34 -32.39 9.58
C LEU B 221 16.09 -33.81 10.10
N GLN B 222 15.26 -34.56 9.37
CA GLN B 222 14.90 -35.93 9.74
C GLN B 222 16.15 -36.82 9.72
N SER B 223 17.16 -36.40 8.97
CA SER B 223 18.42 -37.14 8.86
C SER B 223 19.33 -36.82 10.05
N ARG B 224 18.93 -35.83 10.83
CA ARG B 224 19.77 -35.34 11.91
C ARG B 224 19.24 -35.73 13.27
N ASP B 225 18.07 -36.36 13.28
CA ASP B 225 17.47 -36.87 14.51
C ASP B 225 18.41 -37.89 15.13
N ILE B 226 18.77 -37.70 16.39
CA ILE B 226 19.74 -38.56 17.05
C ILE B 226 19.11 -39.74 17.79
N GLY B 227 17.81 -39.95 17.58
CA GLY B 227 17.14 -41.10 18.15
C GLY B 227 16.32 -40.84 19.41
N GLU B 228 16.37 -39.60 19.88
CA GLU B 228 15.59 -39.15 21.02
C GLU B 228 15.28 -37.68 20.83
N PRO B 229 14.24 -37.16 21.52
CA PRO B 229 13.92 -35.73 21.35
C PRO B 229 15.12 -34.83 21.63
N SER B 230 15.31 -33.80 20.82
CA SER B 230 16.49 -32.95 20.96
C SER B 230 16.16 -31.51 20.63
N HIS B 231 16.97 -30.58 21.12
CA HIS B 231 16.87 -29.20 20.68
C HIS B 231 17.60 -29.03 19.36
N ILE B 232 17.22 -27.99 18.62
CA ILE B 232 17.95 -27.64 17.41
C ILE B 232 18.62 -26.27 17.58
N LEU B 233 19.87 -26.18 17.13
CA LEU B 233 20.58 -24.90 17.09
C LEU B 233 20.78 -24.54 15.62
N ALA B 234 19.95 -23.64 15.11
CA ALA B 234 19.98 -23.27 13.70
C ALA B 234 21.11 -22.31 13.36
N ARG B 235 21.81 -22.62 12.27
CA ARG B 235 22.89 -21.76 11.78
C ARG B 235 22.77 -21.64 10.27
N ASN B 236 23.48 -20.67 9.68
CA ASN B 236 23.45 -20.51 8.23
C ASN B 236 24.50 -21.38 7.54
N GLU B 237 24.74 -21.13 6.25
CA GLU B 237 25.65 -21.97 5.48
C GLU B 237 27.11 -21.88 5.92
N ASN B 238 27.53 -20.71 6.41
CA ASN B 238 28.89 -20.52 6.88
C ASN B 238 29.00 -20.79 8.38
N GLY B 239 27.96 -21.41 8.93
CA GLY B 239 27.96 -21.77 10.35
C GLY B 239 27.69 -20.60 11.26
N ARG B 240 27.01 -19.59 10.73
CA ARG B 240 26.63 -18.45 11.55
C ARG B 240 25.30 -18.73 12.23
N PRO B 241 25.32 -18.89 13.55
CA PRO B 241 24.09 -19.19 14.29
C PRO B 241 23.06 -18.09 14.09
N PHE B 242 21.79 -18.47 14.06
CA PHE B 242 20.73 -17.49 13.87
C PHE B 242 20.77 -16.44 14.97
N ARG B 243 20.27 -15.25 14.66
CA ARG B 243 20.23 -14.17 15.64
C ARG B 243 19.02 -13.32 15.33
N MET B 244 18.17 -13.10 16.32
CA MET B 244 16.91 -12.39 16.12
C MET B 244 16.39 -11.87 17.45
N HIS B 245 15.53 -10.86 17.39
CA HIS B 245 14.86 -10.40 18.59
C HIS B 245 13.70 -11.31 18.93
N ILE B 246 13.60 -11.66 20.20
CA ILE B 246 12.43 -12.37 20.74
C ILE B 246 11.98 -11.64 21.99
N THR B 247 10.82 -10.98 21.91
CA THR B 247 10.36 -10.12 23.00
C THR B 247 9.20 -10.75 23.76
N ASP B 248 9.23 -10.60 25.08
CA ASP B 248 8.15 -11.05 25.95
C ASP B 248 6.92 -10.21 25.68
N THR B 249 5.76 -10.88 25.59
CA THR B 249 4.47 -10.22 25.44
C THR B 249 4.30 -9.07 26.42
N ARG B 250 4.79 -9.26 27.66
CA ARG B 250 4.65 -8.20 28.68
C ARG B 250 5.40 -6.91 28.33
N ASP B 251 6.57 -7.02 27.70
CA ASP B 251 7.28 -5.84 27.23
C ASP B 251 6.54 -5.16 26.07
N MET B 252 5.94 -5.97 25.20
CA MET B 252 5.16 -5.42 24.09
C MET B 252 3.97 -4.65 24.62
N VAL B 253 3.30 -5.21 25.62
CA VAL B 253 2.14 -4.60 26.23
C VAL B 253 2.49 -3.24 26.81
N ALA B 254 3.63 -3.17 27.49
CA ALA B 254 4.08 -1.90 28.07
C ALA B 254 4.28 -0.83 26.99
N GLY B 255 4.88 -1.24 25.87
CA GLY B 255 5.08 -0.36 24.73
C GLY B 255 3.76 0.09 24.13
N ILE B 256 2.80 -0.82 24.05
CA ILE B 256 1.50 -0.50 23.48
C ILE B 256 0.78 0.54 24.33
N LEU B 257 0.81 0.36 25.66
CA LEU B 257 0.18 1.32 26.57
C LEU B 257 0.80 2.70 26.47
N LEU B 258 2.13 2.75 26.32
CA LEU B 258 2.78 4.03 26.07
C LEU B 258 2.30 4.67 24.75
N ALA B 259 2.13 3.87 23.71
CA ALA B 259 1.69 4.44 22.43
C ALA B 259 0.25 4.95 22.53
N LEU B 260 -0.54 4.31 23.40
CA LEU B 260 -1.91 4.74 23.62
C LEU B 260 -1.91 6.05 24.41
N ASP B 261 -1.00 6.17 25.37
CA ASP B 261 -1.15 7.22 26.39
C ASP B 261 -0.19 8.41 26.29
N HIS B 262 1.01 8.17 25.79
CA HIS B 262 2.06 9.18 25.80
C HIS B 262 1.79 10.25 24.72
N PRO B 263 1.83 11.53 25.12
CA PRO B 263 1.52 12.62 24.17
C PRO B 263 2.47 12.63 22.98
N GLU B 264 3.69 12.17 23.18
CA GLU B 264 4.71 12.24 22.14
C GLU B 264 4.66 11.07 21.15
N ALA B 265 3.73 10.14 21.37
CA ALA B 265 3.55 9.03 20.44
C ALA B 265 2.74 9.40 19.19
N ALA B 266 1.91 10.45 19.30
CA ALA B 266 1.06 10.82 18.17
C ALA B 266 1.83 11.18 16.90
N GLY B 267 1.45 10.56 15.78
CA GLY B 267 2.14 10.77 14.52
C GLY B 267 3.45 10.01 14.43
N GLY B 268 3.70 9.13 15.39
CA GLY B 268 4.97 8.42 15.44
C GLY B 268 4.98 7.05 14.81
N THR B 269 6.18 6.59 14.45
CA THR B 269 6.42 5.23 13.98
C THR B 269 7.58 4.69 14.83
N PHE B 270 7.37 3.56 15.50
CA PHE B 270 8.38 3.01 16.38
C PHE B 270 8.59 1.51 16.21
N ASN B 271 9.86 1.11 16.17
CA ASN B 271 10.18 -0.29 16.45
C ASN B 271 9.87 -0.59 17.91
N LEU B 272 9.08 -1.64 18.14
CA LEU B 272 8.77 -2.07 19.50
C LEU B 272 9.26 -3.49 19.73
N GLY B 273 10.25 -3.63 20.60
CA GLY B 273 10.84 -4.93 20.90
C GLY B 273 11.87 -4.77 21.99
N ALA B 274 12.50 -5.87 22.39
CA ALA B 274 13.55 -5.82 23.41
C ALA B 274 14.81 -5.18 22.83
N ASP B 275 15.71 -4.74 23.72
CA ASP B 275 16.90 -3.99 23.31
C ASP B 275 17.79 -4.72 22.31
N GLU B 276 18.07 -6.00 22.59
CA GLU B 276 19.06 -6.75 21.80
C GLU B 276 18.52 -8.11 21.34
N PRO B 277 18.99 -8.59 20.17
CA PRO B 277 18.61 -9.92 19.68
C PRO B 277 19.31 -11.03 20.45
N ALA B 278 18.74 -12.23 20.41
CA ALA B 278 19.35 -13.38 21.04
C ALA B 278 20.21 -14.10 20.01
N ASP B 279 21.46 -14.37 20.36
CA ASP B 279 22.32 -15.19 19.49
C ASP B 279 22.09 -16.63 19.89
N PHE B 280 21.75 -17.49 18.94
CA PHE B 280 21.29 -18.85 19.27
C PHE B 280 22.40 -19.72 19.85
N ALA B 281 23.65 -19.34 19.62
CA ALA B 281 24.77 -20.12 20.16
C ALA B 281 24.87 -19.91 21.66
N ALA B 282 24.37 -18.77 22.12
CA ALA B 282 24.29 -18.50 23.55
C ALA B 282 22.95 -18.99 24.10
N LEU B 283 21.89 -18.79 23.33
CA LEU B 283 20.54 -19.08 23.80
C LEU B 283 20.26 -20.58 23.99
N LEU B 284 20.66 -21.40 23.02
CA LEU B 284 20.38 -22.83 23.09
C LEU B 284 20.95 -23.59 24.30
N PRO B 285 22.22 -23.33 24.68
CA PRO B 285 22.73 -24.00 25.88
C PRO B 285 21.94 -23.62 27.12
N LYS B 286 21.53 -22.35 27.23
CA LYS B 286 20.72 -21.91 28.36
C LYS B 286 19.39 -22.64 28.37
N ILE B 287 18.80 -22.78 27.19
CA ILE B 287 17.57 -23.54 27.04
C ILE B 287 17.74 -25.01 27.43
N ALA B 288 18.76 -25.67 26.89
CA ALA B 288 18.98 -27.09 27.18
C ALA B 288 19.40 -27.31 28.63
N ALA B 289 19.99 -26.30 29.25
CA ALA B 289 20.40 -26.40 30.65
C ALA B 289 19.17 -26.47 31.55
N LEU B 290 18.01 -26.09 31.00
CA LEU B 290 16.77 -26.05 31.76
C LEU B 290 15.87 -27.23 31.41
N THR B 291 16.03 -27.77 30.22
CA THR B 291 15.20 -28.89 29.77
C THR B 291 15.90 -30.23 29.94
N GLY B 292 17.23 -30.23 29.90
CA GLY B 292 17.99 -31.47 29.98
C GLY B 292 18.21 -32.17 28.65
N LEU B 293 17.63 -31.63 27.57
CA LEU B 293 17.71 -32.27 26.26
C LEU B 293 19.02 -31.97 25.53
N PRO B 294 19.52 -32.91 24.71
CA PRO B 294 20.72 -32.60 23.93
C PRO B 294 20.44 -31.61 22.79
N ILE B 295 21.50 -31.02 22.24
CA ILE B 295 21.37 -30.06 21.16
C ILE B 295 21.96 -30.62 19.86
N VAL B 296 21.22 -30.50 18.77
CA VAL B 296 21.78 -30.77 17.45
C VAL B 296 22.04 -29.46 16.72
N THR B 297 23.26 -29.28 16.24
CA THR B 297 23.62 -28.07 15.51
C THR B 297 23.38 -28.27 14.02
N VAL B 298 22.48 -27.48 13.44
CA VAL B 298 22.08 -27.67 12.05
C VAL B 298 22.41 -26.47 11.17
N ASP B 299 23.08 -26.73 10.05
CA ASP B 299 23.40 -25.69 9.09
C ASP B 299 22.42 -25.73 7.93
N PHE B 300 21.51 -24.76 7.90
CA PHE B 300 20.53 -24.65 6.83
C PHE B 300 21.16 -24.00 5.59
N PRO B 301 20.64 -24.33 4.41
CA PRO B 301 21.04 -23.61 3.19
C PRO B 301 20.56 -22.17 3.28
N GLY B 302 21.39 -21.22 2.87
CA GLY B 302 21.02 -19.81 2.88
C GLY B 302 21.83 -18.94 3.83
N ASP B 303 21.49 -17.66 3.88
CA ASP B 303 22.15 -16.71 4.77
C ASP B 303 21.54 -16.75 6.16
N GLY B 304 20.50 -17.54 6.32
CA GLY B 304 19.87 -17.75 7.61
C GLY B 304 19.21 -16.49 8.15
N VAL B 305 18.97 -16.47 9.45
CA VAL B 305 18.37 -15.32 10.11
C VAL B 305 19.44 -14.58 10.89
N TYR B 306 19.58 -13.28 10.67
CA TYR B 306 20.60 -12.52 11.39
C TYR B 306 20.31 -11.02 11.40
N TYR B 307 19.77 -10.52 12.50
CA TYR B 307 19.47 -9.09 12.57
C TYR B 307 19.45 -8.49 13.98
N HIS B 308 19.76 -7.20 14.05
N HIS B 308 19.81 -7.20 14.06
CA HIS B 308 19.58 -6.42 15.26
CA HIS B 308 19.61 -6.38 15.25
C HIS B 308 18.67 -5.25 14.88
C HIS B 308 18.64 -5.27 14.84
N THR B 309 17.59 -5.05 15.65
CA THR B 309 16.65 -3.97 15.38
C THR B 309 16.73 -2.95 16.49
N SER B 310 16.78 -1.67 16.15
CA SER B 310 16.97 -0.64 17.17
C SER B 310 15.64 -0.16 17.75
N ASN B 311 15.55 -0.15 19.07
CA ASN B 311 14.37 0.41 19.75
C ASN B 311 14.71 1.75 20.41
N GLU B 312 15.75 2.38 19.90
CA GLU B 312 16.25 3.63 20.45
C GLU B 312 15.20 4.75 20.34
N ARG B 313 14.47 4.79 19.24
CA ARG B 313 13.50 5.87 19.07
C ARG B 313 12.41 5.82 20.13
N ILE B 314 11.85 4.64 20.38
CA ILE B 314 10.78 4.52 21.36
C ILE B 314 11.31 4.71 22.79
N ARG B 315 12.55 4.31 23.01
CA ARG B 315 13.15 4.51 24.33
C ARG B 315 13.33 6.00 24.59
N ASN B 316 13.93 6.70 23.63
CA ASN B 316 14.21 8.13 23.78
C ASN B 316 12.94 8.97 23.74
N THR B 317 12.01 8.61 22.87
CA THR B 317 10.80 9.42 22.64
C THR B 317 9.71 9.19 23.68
N LEU B 318 9.46 7.92 24.01
CA LEU B 318 8.36 7.58 24.92
C LEU B 318 8.83 7.13 26.30
N GLY B 319 10.14 6.98 26.48
CA GLY B 319 10.64 6.49 27.76
C GLY B 319 10.47 5.00 27.95
N PHE B 320 10.29 4.27 26.84
CA PHE B 320 10.16 2.82 26.91
C PHE B 320 11.40 2.17 27.49
N GLU B 321 11.19 1.29 28.48
CA GLU B 321 12.25 0.45 28.98
C GLU B 321 11.76 -1.00 28.99
N ALA B 322 12.39 -1.86 28.20
CA ALA B 322 12.08 -3.29 28.26
C ALA B 322 12.56 -3.88 29.59
N GLU B 323 11.84 -4.87 30.12
CA GLU B 323 12.08 -5.37 31.47
C GLU B 323 12.28 -6.91 31.49
N TRP B 324 11.95 -7.57 30.39
CA TRP B 324 12.01 -9.02 30.36
C TRP B 324 13.20 -9.58 29.57
N THR B 325 14.31 -9.74 30.29
CA THR B 325 15.51 -10.35 29.73
C THR B 325 15.25 -11.80 29.40
N MET B 326 16.05 -12.36 28.50
CA MET B 326 15.89 -13.77 28.13
C MET B 326 15.99 -14.70 29.34
N ASP B 327 16.88 -14.38 30.28
CA ASP B 327 17.02 -15.24 31.46
C ASP B 327 15.76 -15.21 32.34
N ARG B 328 15.14 -14.05 32.45
CA ARG B 328 13.91 -13.95 33.21
C ARG B 328 12.82 -14.73 32.49
N MET B 329 12.76 -14.56 31.18
CA MET B 329 11.78 -15.28 30.36
C MET B 329 11.95 -16.80 30.48
N LEU B 330 13.19 -17.27 30.43
CA LEU B 330 13.48 -18.71 30.45
C LEU B 330 13.17 -19.35 31.81
N GLU B 331 13.43 -18.61 32.87
CA GLU B 331 13.18 -19.08 34.22
C GLU B 331 11.68 -19.36 34.40
N GLU B 332 10.87 -18.46 33.88
CA GLU B 332 9.42 -18.63 33.89
C GLU B 332 8.97 -19.74 32.92
N ALA B 333 9.59 -19.80 31.74
CA ALA B 333 9.32 -20.88 30.78
C ALA B 333 9.65 -22.24 31.38
N ALA B 334 10.80 -22.31 32.04
CA ALA B 334 11.25 -23.58 32.65
C ALA B 334 10.32 -23.98 33.78
N THR B 335 9.90 -23.01 34.58
CA THR B 335 8.95 -23.30 35.65
C THR B 335 7.68 -23.89 35.08
N ALA B 336 7.12 -23.26 34.04
CA ALA B 336 5.91 -23.76 33.40
C ALA B 336 6.08 -25.16 32.82
N ARG B 337 7.24 -25.41 32.19
CA ARG B 337 7.51 -26.71 31.61
C ARG B 337 7.49 -27.79 32.70
N ARG B 338 8.13 -27.49 33.83
CA ARG B 338 8.22 -28.44 34.93
C ARG B 338 6.83 -28.74 35.48
N GLN B 339 5.98 -27.71 35.51
CA GLN B 339 4.62 -27.88 36.02
C GLN B 339 3.80 -28.78 35.10
N ARG B 340 3.95 -28.58 33.79
CA ARG B 340 3.29 -29.44 32.81
C ARG B 340 3.78 -30.88 32.92
N LEU B 341 5.11 -31.05 32.96
CA LEU B 341 5.69 -32.39 33.09
C LEU B 341 5.25 -33.04 34.40
N ALA B 342 5.18 -32.26 35.47
CA ALA B 342 4.74 -32.78 36.76
C ALA B 342 3.30 -33.28 36.74
N LYS B 343 2.37 -32.48 36.22
CA LYS B 343 0.98 -32.92 36.09
C LYS B 343 0.92 -34.15 35.22
N GLU B 344 1.57 -34.04 34.06
CA GLU B 344 1.66 -35.12 33.09
C GLU B 344 2.11 -36.45 33.71
N GLN B 345 3.32 -36.47 34.26
CA GLN B 345 3.84 -37.69 34.86
C GLN B 345 3.38 -37.86 36.30
N ARG B 346 2.49 -36.96 36.73
CA ARG B 346 1.77 -37.12 37.98
C ARG B 346 2.71 -37.23 39.19
N ARG B 347 3.59 -36.23 39.33
CA ARG B 347 4.60 -36.24 40.38
C ARG B 347 4.37 -35.17 41.44
#